data_3DRW
#
_entry.id   3DRW
#
_cell.length_a   68.464
_cell.length_b   104.190
_cell.length_c   70.844
_cell.angle_alpha   90.00
_cell.angle_beta   105.09
_cell.angle_gamma   90.00
#
_symmetry.space_group_name_H-M   'P 1 21 1'
#
loop_
_entity.id
_entity.type
_entity.pdbx_description
1 polymer 'ADP-specific phosphofructokinase'
2 non-polymer 'ADENOSINE MONOPHOSPHATE'
3 non-polymer 'SODIUM ION'
4 water water
#
_entity_poly.entity_id   1
_entity_poly.type   'polypeptide(L)'
_entity_poly.pdbx_seq_one_letter_code
;MGSSHHHHHHSSGRENLYFQGHMIPEHLSIYTAYNANIAAIVKLNQETIQNLINAFDPDEVKRRIEEYPREINEPIDFVA
RLVHTLKLGKPAAVPLVNEKMNEWFDKTFRYEEERLGGQAGIIANTLAGLKIRKVIAYTPFLPKRLAELFKKGVLYPVVE
NGELQFKPIQEAYREGDPLKINRIFEFRKGLKFKLGDETIEIPNSGRFIVSARFESISRIETREDIKPFLGEIGKEVDGA
IFSGYQGLRTKYSDGKDANYYLRRAKEDIIEFKEKDVKIHVEFASVQDRKLRKKIITNILPFVDSVGIDEAEIAQILSVL
GYRELADRIFTYNRLEDSILGGMIILDELNFEILQVHTTYYLMYITHRDNPLSEEELAKSLEFGTTLAAARASLGDIRGP
DDYKVGLKVPFNERSEYVKLRFEEAKSRLRMREYKVVVIPTRLVQNPVLTVGLGDTISAGAFLTYLEFLKRHGS
;
_entity_poly.pdbx_strand_id   A,B
#
loop_
_chem_comp.id
_chem_comp.type
_chem_comp.name
_chem_comp.formula
AMP non-polymer 'ADENOSINE MONOPHOSPHATE' 'C10 H14 N5 O7 P'
NA non-polymer 'SODIUM ION' 'Na 1'
#
# COMPACT_ATOMS: atom_id res chain seq x y z
N SER A 12 -31.76 -20.52 8.92
CA SER A 12 -32.07 -21.11 7.58
C SER A 12 -33.38 -21.91 7.64
N GLY A 13 -34.24 -21.71 6.65
CA GLY A 13 -35.53 -22.41 6.56
C GLY A 13 -35.32 -23.90 6.52
N ARG A 14 -34.28 -24.30 5.79
CA ARG A 14 -33.94 -25.70 5.44
C ARG A 14 -34.68 -26.25 4.23
N GLU A 15 -35.44 -25.40 3.54
CA GLU A 15 -35.97 -25.77 2.25
C GLU A 15 -34.93 -25.68 1.13
N ASN A 16 -33.68 -25.33 1.49
CA ASN A 16 -32.56 -25.11 0.56
C ASN A 16 -32.22 -26.39 -0.18
N LEU A 17 -32.21 -26.34 -1.51
CA LEU A 17 -31.93 -27.55 -2.29
C LEU A 17 -30.68 -27.39 -3.16
N TYR A 18 -29.69 -28.24 -2.95
CA TYR A 18 -28.47 -28.22 -3.79
C TYR A 18 -28.78 -28.29 -5.28
N PHE A 19 -29.76 -29.13 -5.68
CA PHE A 19 -30.04 -29.28 -7.12
C PHE A 19 -30.78 -28.06 -7.72
N GLN A 20 -31.44 -27.25 -6.89
CA GLN A 20 -32.34 -26.19 -7.36
C GLN A 20 -31.81 -24.75 -7.15
N GLY A 21 -30.79 -24.59 -6.31
CA GLY A 21 -30.35 -23.24 -5.97
C GLY A 21 -28.99 -23.22 -5.33
N MET A 23 -26.92 -20.90 -8.18
CA MET A 23 -25.73 -20.14 -8.67
C MET A 23 -25.60 -18.67 -8.17
N ILE A 24 -26.73 -18.01 -7.95
CA ILE A 24 -26.74 -16.74 -7.21
C ILE A 24 -26.45 -16.97 -5.71
N PRO A 25 -25.39 -16.33 -5.16
CA PRO A 25 -25.01 -16.36 -3.74
C PRO A 25 -25.97 -15.58 -2.78
N GLU A 26 -27.14 -16.14 -2.57
CA GLU A 26 -28.23 -15.49 -1.87
C GLU A 26 -27.86 -15.16 -0.44
N HIS A 27 -26.95 -15.92 0.17
CA HIS A 27 -26.75 -15.80 1.61
C HIS A 27 -25.75 -14.69 2.01
N LEU A 28 -25.19 -14.00 1.02
CA LEU A 28 -24.13 -13.02 1.29
C LEU A 28 -24.68 -11.65 1.65
N SER A 29 -23.91 -10.93 2.49
CA SER A 29 -24.22 -9.56 2.84
C SER A 29 -23.03 -8.70 2.37
N ILE A 30 -23.36 -7.57 1.75
CA ILE A 30 -22.34 -6.75 1.05
C ILE A 30 -22.54 -5.27 1.35
N TYR A 31 -21.40 -4.58 1.54
CA TYR A 31 -21.39 -3.16 1.79
C TYR A 31 -20.77 -2.56 0.54
N THR A 32 -21.33 -1.46 0.05
CA THR A 32 -20.75 -0.73 -1.13
C THR A 32 -20.53 0.74 -0.76
N ALA A 33 -19.49 1.36 -1.32
CA ALA A 33 -19.20 2.77 -1.06
C ALA A 33 -18.24 3.17 -2.21
N TYR A 34 -18.08 4.43 -2.56
CA TYR A 34 -18.59 5.61 -1.86
C TYR A 34 -19.43 6.43 -2.79
N ASN A 35 -19.49 6.03 -4.05
CA ASN A 35 -20.02 6.93 -5.07
C ASN A 35 -21.41 6.58 -5.63
N ALA A 36 -22.36 7.51 -5.46
CA ALA A 36 -23.71 7.36 -5.99
C ALA A 36 -24.15 8.77 -6.42
N ASN A 37 -24.81 8.85 -7.57
CA ASN A 37 -25.23 10.17 -8.01
C ASN A 37 -26.50 10.05 -8.83
N ILE A 38 -27.03 11.20 -9.27
CA ILE A 38 -28.20 11.20 -10.15
C ILE A 38 -27.71 11.34 -11.58
N ALA A 39 -28.22 10.50 -12.49
CA ALA A 39 -27.98 10.60 -13.92
C ALA A 39 -29.29 11.09 -14.53
N ALA A 40 -29.27 12.34 -15.03
CA ALA A 40 -30.49 12.94 -15.52
C ALA A 40 -30.39 13.21 -17.01
N ILE A 41 -31.50 13.05 -17.72
CA ILE A 41 -31.45 13.23 -19.18
C ILE A 41 -32.43 14.34 -19.53
N VAL A 42 -32.02 15.20 -20.47
CA VAL A 42 -32.88 16.26 -20.96
C VAL A 42 -32.95 16.09 -22.47
N LYS A 43 -34.17 16.04 -23.00
CA LYS A 43 -34.41 16.02 -24.48
C LYS A 43 -34.48 17.43 -24.98
N LEU A 44 -33.55 17.80 -25.83
CA LEU A 44 -33.53 19.15 -26.42
C LEU A 44 -34.33 19.22 -27.70
N ASN A 45 -35.60 19.53 -27.58
CA ASN A 45 -36.35 19.74 -28.79
C ASN A 45 -36.25 21.20 -29.22
N GLN A 46 -36.92 21.55 -30.32
CA GLN A 46 -36.85 22.90 -30.87
C GLN A 46 -37.24 24.00 -29.90
N GLU A 47 -38.36 23.86 -29.19
CA GLU A 47 -38.81 24.90 -28.29
C GLU A 47 -37.84 25.08 -27.12
N THR A 48 -37.28 23.97 -26.64
CA THR A 48 -36.35 23.95 -25.50
C THR A 48 -35.09 24.75 -25.84
N ILE A 49 -34.53 24.44 -26.99
CA ILE A 49 -33.30 25.08 -27.42
C ILE A 49 -33.52 26.57 -27.69
N GLN A 50 -34.60 26.90 -28.41
CA GLN A 50 -34.83 28.31 -28.77
C GLN A 50 -35.06 29.16 -27.49
N ASN A 51 -35.84 28.62 -26.57
CA ASN A 51 -36.10 29.33 -25.32
C ASN A 51 -34.83 29.50 -24.51
N LEU A 52 -33.95 28.51 -24.52
CA LEU A 52 -32.69 28.64 -23.82
C LEU A 52 -31.85 29.74 -24.46
N ILE A 53 -31.69 29.67 -25.78
CA ILE A 53 -30.90 30.63 -26.55
C ILE A 53 -31.46 32.05 -26.38
N ASN A 54 -32.78 32.17 -26.42
CA ASN A 54 -33.44 33.49 -26.38
C ASN A 54 -33.14 34.30 -25.11
N ALA A 55 -32.77 33.59 -24.04
CA ALA A 55 -32.52 34.22 -22.76
C ALA A 55 -31.25 35.06 -22.83
N PHE A 56 -30.40 34.79 -23.83
CA PHE A 56 -29.06 35.38 -23.92
C PHE A 56 -28.90 36.28 -25.14
N ASP A 57 -28.06 37.31 -25.04
CA ASP A 57 -27.76 38.12 -26.21
C ASP A 57 -26.94 37.26 -27.22
N PRO A 58 -27.37 37.18 -28.51
CA PRO A 58 -26.69 36.32 -29.48
C PRO A 58 -25.23 36.70 -29.71
N ASP A 59 -24.94 38.00 -29.71
CA ASP A 59 -23.55 38.42 -29.82
C ASP A 59 -22.73 37.96 -28.61
N GLU A 60 -23.30 38.04 -27.40
CA GLU A 60 -22.61 37.55 -26.21
C GLU A 60 -22.33 36.03 -26.26
N VAL A 61 -23.27 35.26 -26.81
CA VAL A 61 -23.04 33.83 -26.99
C VAL A 61 -21.94 33.58 -28.01
N LYS A 62 -22.02 34.26 -29.15
CA LYS A 62 -21.01 34.11 -30.20
C LYS A 62 -19.59 34.42 -29.69
N ARG A 63 -19.43 35.56 -29.02
CA ARG A 63 -18.15 35.86 -28.38
C ARG A 63 -17.73 34.72 -27.43
N ARG A 64 -18.63 34.25 -26.57
CA ARG A 64 -18.25 33.16 -25.64
C ARG A 64 -17.82 31.87 -26.34
N ILE A 65 -18.47 31.56 -27.46
CA ILE A 65 -18.10 30.39 -28.25
C ILE A 65 -16.66 30.51 -28.77
N GLU A 66 -16.33 31.71 -29.23
CA GLU A 66 -14.97 31.99 -29.70
C GLU A 66 -13.94 31.87 -28.55
N GLU A 67 -14.32 32.32 -27.34
CA GLU A 67 -13.47 32.18 -26.16
C GLU A 67 -13.31 30.73 -25.75
N TYR A 68 -14.36 29.93 -25.99
CA TYR A 68 -14.35 28.47 -25.82
C TYR A 68 -14.09 27.93 -24.38
N PRO A 69 -15.07 28.13 -23.47
CA PRO A 69 -14.91 27.80 -22.07
C PRO A 69 -14.64 26.31 -21.97
N ARG A 70 -13.72 25.92 -21.12
CA ARG A 70 -13.36 24.50 -21.02
C ARG A 70 -14.02 23.90 -19.80
N GLU A 71 -14.68 24.74 -19.03
CA GLU A 71 -15.50 24.30 -17.90
C GLU A 71 -16.69 25.25 -17.69
N ILE A 72 -17.71 24.80 -16.98
CA ILE A 72 -18.90 25.61 -16.82
C ILE A 72 -18.97 26.23 -15.44
N ASN A 73 -18.82 27.55 -15.42
CA ASN A 73 -18.92 28.33 -14.19
C ASN A 73 -20.15 29.22 -14.16
N GLU A 74 -20.63 29.61 -15.35
CA GLU A 74 -21.85 30.46 -15.49
C GLU A 74 -22.74 29.89 -16.59
N PRO A 75 -24.06 30.20 -16.55
CA PRO A 75 -25.02 29.82 -17.61
C PRO A 75 -24.51 30.10 -19.04
N ILE A 76 -23.95 31.28 -19.31
CA ILE A 76 -23.43 31.52 -20.66
C ILE A 76 -22.37 30.49 -21.17
N ASP A 77 -21.58 29.92 -20.25
CA ASP A 77 -20.53 28.96 -20.57
C ASP A 77 -21.19 27.71 -21.13
N PHE A 78 -22.24 27.30 -20.40
CA PHE A 78 -23.03 26.14 -20.83
C PHE A 78 -23.70 26.39 -22.18
N VAL A 79 -24.40 27.52 -22.34
CA VAL A 79 -25.04 27.89 -23.61
C VAL A 79 -24.04 27.98 -24.79
N ALA A 80 -22.90 28.59 -24.54
CA ALA A 80 -21.91 28.73 -25.66
C ALA A 80 -21.42 27.35 -26.10
N ARG A 81 -21.04 26.49 -25.16
CA ARG A 81 -20.52 25.16 -25.50
C ARG A 81 -21.61 24.25 -26.07
N LEU A 82 -22.81 24.35 -25.54
CA LEU A 82 -23.88 23.55 -26.11
C LEU A 82 -24.20 23.97 -27.58
N VAL A 83 -24.38 25.27 -27.83
CA VAL A 83 -24.69 25.76 -29.16
C VAL A 83 -23.61 25.34 -30.15
N HIS A 84 -22.35 25.43 -29.72
CA HIS A 84 -21.20 25.03 -30.57
C HIS A 84 -21.35 23.53 -30.95
N THR A 85 -21.65 22.72 -29.94
CA THR A 85 -21.91 21.30 -30.10
C THR A 85 -23.02 21.03 -31.10
N LEU A 86 -24.14 21.75 -30.96
CA LEU A 86 -25.35 21.54 -31.78
C LEU A 86 -25.08 21.92 -33.24
N LYS A 87 -24.38 23.02 -33.45
CA LYS A 87 -24.06 23.49 -34.80
C LYS A 87 -23.11 22.52 -35.54
N LEU A 88 -22.22 21.87 -34.81
CA LEU A 88 -21.30 20.94 -35.44
C LEU A 88 -21.82 19.52 -35.39
N GLY A 89 -22.80 19.27 -34.54
CA GLY A 89 -23.34 17.92 -34.35
C GLY A 89 -22.34 17.02 -33.64
N LYS A 90 -21.38 17.64 -32.96
CA LYS A 90 -20.33 16.87 -32.30
C LYS A 90 -20.54 16.67 -30.80
N PRO A 91 -20.62 15.39 -30.35
CA PRO A 91 -20.82 15.12 -28.93
C PRO A 91 -19.66 15.70 -28.13
N ALA A 92 -19.95 16.10 -26.90
CA ALA A 92 -18.93 16.72 -26.06
C ALA A 92 -19.29 16.54 -24.59
N ALA A 93 -18.28 16.66 -23.72
CA ALA A 93 -18.48 16.54 -22.26
C ALA A 93 -17.76 17.73 -21.62
N VAL A 94 -18.48 18.52 -20.83
CA VAL A 94 -17.94 19.73 -20.20
C VAL A 94 -18.29 19.70 -18.71
N PRO A 95 -17.26 19.81 -17.82
CA PRO A 95 -17.48 19.73 -16.38
C PRO A 95 -18.23 20.95 -15.83
N LEU A 96 -19.15 20.74 -14.91
CA LEU A 96 -19.70 21.85 -14.16
C LEU A 96 -18.87 21.99 -12.92
N VAL A 97 -18.29 23.17 -12.72
CA VAL A 97 -17.36 23.38 -11.61
C VAL A 97 -17.95 24.40 -10.65
N ASN A 98 -19.25 24.69 -10.78
CA ASN A 98 -19.94 25.62 -9.86
C ASN A 98 -21.23 25.04 -9.27
N GLU A 99 -21.19 24.68 -7.99
CA GLU A 99 -22.35 24.04 -7.37
C GLU A 99 -23.59 24.90 -7.45
N LYS A 100 -23.43 26.21 -7.37
CA LYS A 100 -24.63 27.09 -7.40
C LYS A 100 -25.50 26.95 -8.67
N MET A 101 -24.90 26.48 -9.77
CA MET A 101 -25.66 26.30 -11.02
C MET A 101 -26.62 25.11 -11.02
N ASN A 102 -26.52 24.18 -10.06
CA ASN A 102 -27.55 23.13 -9.95
C ASN A 102 -28.96 23.70 -9.99
N GLU A 103 -29.17 24.76 -9.23
CA GLU A 103 -30.49 25.43 -9.17
C GLU A 103 -30.89 26.00 -10.52
N TRP A 104 -29.92 26.59 -11.23
CA TRP A 104 -30.17 27.10 -12.58
C TRP A 104 -30.58 25.99 -13.54
N PHE A 105 -29.82 24.92 -13.61
CA PHE A 105 -30.18 23.82 -14.46
C PHE A 105 -31.57 23.33 -14.11
N ASP A 106 -31.83 23.16 -12.82
CA ASP A 106 -33.11 22.57 -12.39
C ASP A 106 -34.33 23.47 -12.65
N LYS A 107 -34.13 24.78 -12.62
CA LYS A 107 -35.22 25.70 -12.91
C LYS A 107 -35.39 25.87 -14.41
N THR A 108 -34.31 25.63 -15.17
CA THR A 108 -34.34 25.90 -16.60
C THR A 108 -34.86 24.71 -17.39
N PHE A 109 -34.57 23.47 -16.96
CA PHE A 109 -34.92 22.25 -17.74
C PHE A 109 -35.85 21.28 -17.00
N ARG A 110 -36.61 20.53 -17.79
CA ARG A 110 -37.42 19.43 -17.29
C ARG A 110 -36.65 18.18 -17.67
N TYR A 111 -36.52 17.23 -16.75
CA TYR A 111 -35.74 16.03 -17.02
C TYR A 111 -36.64 14.95 -17.55
N GLU A 112 -36.30 14.41 -18.71
CA GLU A 112 -37.00 13.27 -19.28
C GLU A 112 -37.00 12.15 -18.25
N GLU A 113 -35.80 11.77 -17.82
CA GLU A 113 -35.69 10.83 -16.71
C GLU A 113 -34.49 11.08 -15.79
N GLU A 114 -34.62 10.54 -14.58
CA GLU A 114 -33.57 10.61 -13.57
C GLU A 114 -33.32 9.17 -13.09
N ARG A 115 -32.07 8.71 -13.17
CA ARG A 115 -31.71 7.34 -12.78
C ARG A 115 -30.57 7.39 -11.78
N LEU A 116 -30.41 6.37 -10.95
CA LEU A 116 -29.20 6.28 -10.12
C LEU A 116 -27.98 6.04 -10.98
N GLY A 117 -26.89 6.69 -10.64
CA GLY A 117 -25.62 6.39 -11.27
C GLY A 117 -24.54 6.32 -10.20
N GLY A 118 -23.30 6.15 -10.68
CA GLY A 118 -22.14 5.95 -9.80
C GLY A 118 -21.96 4.47 -9.44
N GLN A 119 -20.71 4.01 -9.40
CA GLN A 119 -20.42 2.58 -9.22
C GLN A 119 -21.09 1.96 -7.97
N ALA A 120 -20.90 2.54 -6.80
CA ALA A 120 -21.50 2.02 -5.54
C ALA A 120 -23.02 1.97 -5.60
N GLY A 121 -23.61 2.98 -6.23
CA GLY A 121 -25.06 3.08 -6.29
C GLY A 121 -25.62 2.05 -7.27
N ILE A 122 -25.04 1.95 -8.47
CA ILE A 122 -25.48 0.95 -9.46
C ILE A 122 -25.22 -0.48 -8.98
N ILE A 123 -24.09 -0.71 -8.31
CA ILE A 123 -23.85 -2.06 -7.76
C ILE A 123 -24.85 -2.36 -6.64
N ALA A 124 -25.10 -1.39 -5.75
CA ALA A 124 -26.11 -1.62 -4.68
C ALA A 124 -27.45 -2.02 -5.25
N ASN A 125 -27.90 -1.31 -6.28
CA ASN A 125 -29.19 -1.62 -6.87
C ASN A 125 -29.25 -3.01 -7.51
N THR A 126 -28.20 -3.39 -8.23
CA THR A 126 -28.14 -4.75 -8.79
C THR A 126 -28.22 -5.85 -7.72
N LEU A 127 -27.44 -5.70 -6.66
CA LEU A 127 -27.45 -6.73 -5.59
C LEU A 127 -28.79 -6.83 -4.84
N ALA A 128 -29.46 -5.70 -4.66
CA ALA A 128 -30.82 -5.68 -4.04
C ALA A 128 -31.77 -6.37 -5.04
N GLY A 129 -31.51 -6.20 -6.33
CA GLY A 129 -32.34 -6.87 -7.37
C GLY A 129 -32.17 -8.36 -7.34
N LEU A 130 -30.96 -8.81 -7.05
CA LEU A 130 -30.69 -10.22 -6.91
C LEU A 130 -31.24 -10.78 -5.59
N LYS A 131 -31.68 -9.92 -4.67
CA LYS A 131 -32.22 -10.38 -3.39
C LYS A 131 -31.19 -11.18 -2.53
N ILE A 132 -29.93 -10.74 -2.49
CA ILE A 132 -29.00 -11.34 -1.55
C ILE A 132 -29.46 -10.96 -0.13
N ARG A 133 -28.85 -11.56 0.88
CA ARG A 133 -29.34 -11.37 2.26
C ARG A 133 -29.41 -9.92 2.72
N LYS A 134 -28.36 -9.14 2.46
CA LYS A 134 -28.37 -7.75 2.93
C LYS A 134 -27.46 -6.96 1.99
N VAL A 135 -27.93 -5.78 1.58
CA VAL A 135 -27.10 -4.81 0.82
C VAL A 135 -27.15 -3.46 1.58
N ILE A 136 -25.97 -2.96 1.89
CA ILE A 136 -25.87 -1.71 2.59
C ILE A 136 -24.99 -0.80 1.72
N ALA A 137 -25.49 0.37 1.35
CA ALA A 137 -24.72 1.31 0.50
C ALA A 137 -24.34 2.52 1.35
N TYR A 138 -23.15 3.10 1.12
CA TYR A 138 -22.80 4.28 1.84
C TYR A 138 -22.28 5.31 0.85
N THR A 139 -22.77 6.53 0.98
CA THR A 139 -22.23 7.69 0.29
C THR A 139 -22.27 8.85 1.31
N PRO A 140 -21.18 9.67 1.36
CA PRO A 140 -21.22 10.78 2.30
C PRO A 140 -22.24 11.87 1.97
N PHE A 141 -22.80 11.89 0.76
CA PHE A 141 -23.73 12.94 0.36
C PHE A 141 -25.01 12.22 0.04
N LEU A 142 -26.05 12.44 0.82
CA LEU A 142 -27.31 11.71 0.51
C LEU A 142 -28.48 12.65 0.61
N PRO A 143 -28.67 13.50 -0.41
CA PRO A 143 -29.86 14.35 -0.38
C PRO A 143 -31.08 13.46 -0.69
N LYS A 144 -32.27 13.99 -0.47
CA LYS A 144 -33.50 13.18 -0.67
C LYS A 144 -33.70 12.71 -2.13
N ARG A 145 -33.38 13.58 -3.09
CA ARG A 145 -33.48 13.27 -4.51
C ARG A 145 -32.60 12.06 -4.93
N LEU A 146 -31.45 11.93 -4.32
CA LEU A 146 -30.59 10.77 -4.59
C LEU A 146 -31.13 9.50 -3.84
N ALA A 147 -31.38 9.63 -2.56
CA ALA A 147 -31.84 8.50 -1.74
C ALA A 147 -33.05 7.80 -2.37
N GLU A 148 -33.90 8.57 -3.01
CA GLU A 148 -35.12 8.01 -3.61
C GLU A 148 -34.86 7.18 -4.88
N LEU A 149 -33.66 7.27 -5.45
CA LEU A 149 -33.36 6.54 -6.65
C LEU A 149 -32.79 5.15 -6.40
N PHE A 150 -32.44 4.84 -5.17
CA PHE A 150 -32.10 3.47 -4.76
C PHE A 150 -33.32 2.55 -4.76
N LYS A 151 -33.08 1.30 -5.16
CA LYS A 151 -34.09 0.25 -5.17
C LYS A 151 -34.50 -0.19 -3.78
N LYS A 152 -35.69 -0.76 -3.65
CA LYS A 152 -36.08 -1.28 -2.36
C LYS A 152 -35.14 -2.40 -1.99
N GLY A 153 -34.74 -2.43 -0.71
CA GLY A 153 -33.84 -3.46 -0.19
C GLY A 153 -32.44 -2.89 0.09
N VAL A 154 -32.10 -1.74 -0.49
CA VAL A 154 -30.84 -1.10 -0.11
C VAL A 154 -30.92 -0.41 1.26
N LEU A 155 -29.97 -0.74 2.17
CA LEU A 155 -29.89 -0.19 3.51
C LEU A 155 -28.78 0.87 3.58
N TYR A 156 -28.78 1.66 4.64
CA TYR A 156 -27.78 2.74 4.88
C TYR A 156 -27.49 2.74 6.39
N PRO A 157 -26.24 2.95 6.80
CA PRO A 157 -25.91 2.93 8.22
C PRO A 157 -26.42 4.20 8.93
N VAL A 158 -27.10 4.02 10.04
N VAL A 158 -27.06 4.02 10.08
CA VAL A 158 -27.53 5.14 10.86
CA VAL A 158 -27.64 5.13 10.84
C VAL A 158 -27.12 4.93 12.32
C VAL A 158 -27.34 4.98 12.34
N VAL A 159 -26.82 6.04 12.96
CA VAL A 159 -26.51 6.05 14.40
C VAL A 159 -27.75 6.53 15.12
N GLU A 160 -28.32 5.66 15.93
CA GLU A 160 -29.53 6.03 16.67
C GLU A 160 -29.19 5.93 18.12
N ASN A 161 -28.71 7.04 18.67
CA ASN A 161 -28.37 7.12 20.10
C ASN A 161 -27.11 6.31 20.42
N GLY A 162 -26.02 6.58 19.70
CA GLY A 162 -24.74 5.90 19.91
C GLY A 162 -24.74 4.41 19.60
N GLU A 163 -25.81 3.93 18.95
CA GLU A 163 -25.88 2.54 18.51
C GLU A 163 -26.09 2.43 16.96
N LEU A 164 -25.40 1.49 16.33
CA LEU A 164 -25.49 1.36 14.88
C LEU A 164 -26.72 0.58 14.40
N GLN A 165 -27.54 1.23 13.57
CA GLN A 165 -28.66 0.58 12.90
C GLN A 165 -28.48 0.67 11.37
N PHE A 166 -29.14 -0.22 10.63
CA PHE A 166 -29.24 -0.07 9.18
C PHE A 166 -30.68 0.24 8.87
N LYS A 167 -30.92 1.32 8.11
CA LYS A 167 -32.29 1.71 7.79
C LYS A 167 -32.50 1.70 6.28
N PRO A 168 -33.76 1.59 5.79
CA PRO A 168 -33.93 1.72 4.33
C PRO A 168 -33.29 3.04 3.84
N ILE A 169 -32.49 2.98 2.77
CA ILE A 169 -31.75 4.18 2.36
C ILE A 169 -32.65 5.37 1.94
N GLN A 170 -33.85 5.06 1.43
CA GLN A 170 -34.83 6.09 1.01
C GLN A 170 -35.27 6.96 2.17
N GLU A 171 -35.10 6.48 3.40
CA GLU A 171 -35.53 7.20 4.62
C GLU A 171 -34.37 7.89 5.32
N ALA A 172 -33.15 7.59 4.91
CA ALA A 172 -31.93 8.07 5.60
C ALA A 172 -31.31 9.38 5.12
N TYR A 173 -31.97 10.07 4.20
CA TYR A 173 -31.33 11.24 3.57
C TYR A 173 -31.16 12.41 4.52
N ARG A 174 -30.29 13.34 4.16
CA ARG A 174 -30.10 14.60 4.87
C ARG A 174 -30.43 15.75 3.93
N GLU A 175 -31.45 16.54 4.23
CA GLU A 175 -31.62 17.64 3.30
C GLU A 175 -30.50 18.63 3.46
N GLY A 176 -30.15 19.27 2.38
CA GLY A 176 -29.02 20.16 2.47
C GLY A 176 -27.77 19.50 1.93
N ASP A 177 -27.72 18.16 1.89
CA ASP A 177 -26.50 17.45 1.40
C ASP A 177 -26.18 17.84 -0.02
N PRO A 178 -24.88 17.96 -0.40
CA PRO A 178 -24.68 18.32 -1.79
C PRO A 178 -25.24 17.25 -2.73
N LEU A 179 -25.66 17.74 -3.88
CA LEU A 179 -26.36 17.01 -4.88
C LEU A 179 -25.44 16.83 -6.10
N LYS A 180 -24.91 15.63 -6.28
CA LYS A 180 -24.13 15.33 -7.48
C LYS A 180 -25.06 14.84 -8.59
N ILE A 181 -25.25 15.69 -9.62
CA ILE A 181 -26.17 15.37 -10.73
C ILE A 181 -25.37 15.50 -12.03
N ASN A 182 -25.27 14.41 -12.79
CA ASN A 182 -24.65 14.44 -14.12
C ASN A 182 -25.84 14.57 -15.11
N ARG A 183 -25.74 15.53 -16.03
CA ARG A 183 -26.83 15.84 -16.94
C ARG A 183 -26.45 15.50 -18.38
N ILE A 184 -27.30 14.73 -19.08
CA ILE A 184 -27.02 14.42 -20.52
C ILE A 184 -28.02 15.12 -21.35
N PHE A 185 -27.57 15.94 -22.29
CA PHE A 185 -28.50 16.67 -23.12
C PHE A 185 -28.52 15.98 -24.47
N GLU A 186 -29.65 15.38 -24.82
CA GLU A 186 -29.78 14.66 -26.07
C GLU A 186 -30.34 15.56 -27.16
N PHE A 187 -29.70 15.52 -28.33
CA PHE A 187 -30.22 16.27 -29.46
C PHE A 187 -30.40 15.36 -30.67
N ARG A 188 -31.32 15.72 -31.57
CA ARG A 188 -31.57 14.93 -32.75
C ARG A 188 -31.12 15.64 -34.04
N LYS A 189 -30.66 14.83 -34.99
CA LYS A 189 -30.47 15.32 -36.33
C LYS A 189 -31.70 16.06 -36.86
N GLY A 190 -31.47 17.20 -37.49
CA GLY A 190 -32.54 17.84 -38.22
C GLY A 190 -33.25 18.98 -37.50
N LEU A 191 -33.07 19.10 -36.19
CA LEU A 191 -33.70 20.20 -35.47
C LEU A 191 -33.09 21.52 -35.88
N LYS A 192 -33.93 22.55 -35.94
CA LYS A 192 -33.54 23.87 -36.39
C LYS A 192 -33.82 24.90 -35.27
N PHE A 193 -32.93 25.88 -35.14
CA PHE A 193 -33.12 26.98 -34.21
C PHE A 193 -32.41 28.19 -34.78
N LYS A 194 -32.65 29.35 -34.18
CA LYS A 194 -32.09 30.61 -34.67
C LYS A 194 -31.12 31.13 -33.63
N LEU A 195 -29.89 31.39 -34.04
CA LEU A 195 -28.96 32.17 -33.20
C LEU A 195 -28.88 33.62 -33.71
N GLY A 196 -29.67 34.49 -33.08
CA GLY A 196 -29.92 35.83 -33.58
C GLY A 196 -30.68 35.81 -34.89
N ASP A 197 -29.97 36.12 -35.97
CA ASP A 197 -30.49 36.11 -37.34
C ASP A 197 -29.71 35.08 -38.17
N GLU A 198 -29.61 33.85 -37.66
CA GLU A 198 -28.97 32.74 -38.35
C GLU A 198 -29.63 31.39 -38.03
N THR A 199 -30.17 30.72 -39.04
CA THR A 199 -30.82 29.43 -38.83
C THR A 199 -29.76 28.32 -38.74
N ILE A 200 -29.87 27.47 -37.73
CA ILE A 200 -28.93 26.36 -37.57
C ILE A 200 -29.72 25.06 -37.63
N GLU A 201 -29.21 24.13 -38.43
CA GLU A 201 -29.82 22.82 -38.55
C GLU A 201 -28.83 21.81 -38.02
N ILE A 202 -29.23 21.09 -36.96
CA ILE A 202 -28.31 20.17 -36.31
C ILE A 202 -27.99 19.07 -37.35
N PRO A 203 -26.68 18.88 -37.66
CA PRO A 203 -26.31 17.95 -38.74
C PRO A 203 -26.42 16.47 -38.37
N ASN A 204 -26.27 16.12 -37.11
CA ASN A 204 -26.54 14.74 -36.66
C ASN A 204 -26.92 14.64 -35.19
N SER A 205 -27.47 13.49 -34.82
CA SER A 205 -27.85 13.22 -33.42
C SER A 205 -26.60 13.05 -32.56
N GLY A 206 -26.75 13.38 -31.27
CA GLY A 206 -25.69 13.13 -30.32
C GLY A 206 -26.07 13.60 -28.93
N ARG A 207 -25.10 13.68 -28.04
CA ARG A 207 -25.36 14.11 -26.68
C ARG A 207 -24.30 15.09 -26.23
N PHE A 208 -24.72 16.05 -25.40
CA PHE A 208 -23.80 16.98 -24.72
C PHE A 208 -23.87 16.68 -23.21
N ILE A 209 -22.73 16.37 -22.58
CA ILE A 209 -22.74 15.91 -21.20
C ILE A 209 -22.14 16.95 -20.27
N VAL A 210 -22.89 17.27 -19.23
CA VAL A 210 -22.35 18.14 -18.20
C VAL A 210 -22.21 17.39 -16.89
N SER A 211 -20.96 17.04 -16.54
CA SER A 211 -20.66 16.28 -15.33
C SER A 211 -20.43 17.20 -14.12
N ALA A 212 -20.96 16.80 -12.96
CA ALA A 212 -20.74 17.50 -11.70
C ALA A 212 -19.28 17.33 -11.23
N ARG A 213 -18.56 18.43 -11.12
CA ARG A 213 -17.16 18.39 -10.78
C ARG A 213 -16.83 19.60 -9.94
N PHE A 214 -17.74 19.97 -9.05
CA PHE A 214 -17.52 21.06 -8.08
C PHE A 214 -16.92 20.49 -6.79
N GLU A 215 -16.46 21.35 -5.89
CA GLU A 215 -15.67 20.87 -4.74
C GLU A 215 -16.41 19.99 -3.76
N SER A 216 -17.63 20.36 -3.40
CA SER A 216 -18.29 19.70 -2.25
C SER A 216 -18.39 18.19 -2.43
N ILE A 217 -18.62 17.74 -3.65
CA ILE A 217 -18.84 16.31 -3.90
C ILE A 217 -17.54 15.52 -4.10
N SER A 218 -16.39 16.20 -4.00
CA SER A 218 -15.10 15.52 -4.13
C SER A 218 -14.47 15.15 -2.82
N ARG A 219 -15.14 15.49 -1.71
CA ARG A 219 -14.66 15.12 -0.37
C ARG A 219 -15.06 13.69 -0.05
N ILE A 220 -14.43 12.73 -0.73
CA ILE A 220 -14.93 11.31 -0.68
C ILE A 220 -14.36 10.62 0.55
N GLU A 221 -15.23 10.26 1.51
CA GLU A 221 -14.75 9.66 2.74
C GLU A 221 -15.93 9.08 3.45
N THR A 222 -15.69 8.29 4.49
CA THR A 222 -16.74 8.01 5.49
C THR A 222 -16.78 9.23 6.44
N ARG A 223 -17.92 9.88 6.56
CA ARG A 223 -18.02 11.03 7.44
C ARG A 223 -17.87 10.69 8.92
N GLU A 224 -17.66 11.72 9.75
CA GLU A 224 -17.16 11.51 11.10
C GLU A 224 -18.20 10.85 12.02
N ASP A 225 -19.47 11.02 11.68
CA ASP A 225 -20.59 10.38 12.42
C ASP A 225 -20.62 8.84 12.29
N ILE A 226 -20.37 8.32 11.10
CA ILE A 226 -20.36 6.88 10.85
C ILE A 226 -19.00 6.22 11.07
N LYS A 227 -17.93 6.96 10.86
CA LYS A 227 -16.57 6.40 10.97
C LYS A 227 -16.32 5.52 12.22
N PRO A 228 -16.70 5.96 13.44
CA PRO A 228 -16.36 5.10 14.58
C PRO A 228 -17.07 3.73 14.56
N PHE A 229 -18.06 3.57 13.68
CA PHE A 229 -18.90 2.36 13.61
C PHE A 229 -18.56 1.43 12.46
N LEU A 230 -17.47 1.72 11.72
CA LEU A 230 -17.17 0.89 10.56
C LEU A 230 -16.91 -0.54 10.93
N GLY A 231 -16.27 -0.75 12.08
CA GLY A 231 -16.02 -2.11 12.57
C GLY A 231 -17.31 -2.89 12.81
N GLU A 232 -18.30 -2.22 13.38
CA GLU A 232 -19.61 -2.84 13.64
C GLU A 232 -20.36 -3.18 12.32
N ILE A 233 -20.23 -2.33 11.29
CA ILE A 233 -20.65 -2.73 9.95
C ILE A 233 -19.88 -3.94 9.43
N GLY A 234 -18.55 -3.95 9.60
CA GLY A 234 -17.74 -5.09 9.17
C GLY A 234 -18.21 -6.41 9.74
N LYS A 235 -18.63 -6.42 10.99
CA LYS A 235 -19.16 -7.64 11.58
C LYS A 235 -20.40 -8.15 10.82
N GLU A 236 -21.13 -7.28 10.16
CA GLU A 236 -22.37 -7.64 9.44
C GLU A 236 -22.20 -8.17 8.01
N VAL A 237 -21.07 -7.85 7.38
CA VAL A 237 -20.95 -8.08 5.95
C VAL A 237 -19.87 -9.13 5.62
N ASP A 238 -19.99 -9.80 4.48
CA ASP A 238 -18.99 -10.79 4.06
C ASP A 238 -17.99 -10.09 3.16
N GLY A 239 -18.45 -9.05 2.49
CA GLY A 239 -17.60 -8.33 1.45
C GLY A 239 -17.93 -6.85 1.41
N ALA A 240 -16.98 -6.07 0.90
CA ALA A 240 -17.18 -4.62 0.76
C ALA A 240 -16.66 -4.31 -0.64
N ILE A 241 -17.36 -3.46 -1.39
CA ILE A 241 -16.96 -3.14 -2.78
C ILE A 241 -16.78 -1.63 -2.69
N PHE A 242 -15.55 -1.18 -2.93
CA PHE A 242 -15.23 0.22 -2.78
C PHE A 242 -14.82 0.81 -4.15
N SER A 243 -15.28 2.05 -4.41
CA SER A 243 -14.98 2.82 -5.66
C SER A 243 -15.28 4.28 -5.35
N GLY A 244 -14.96 5.14 -6.31
CA GLY A 244 -15.28 6.53 -6.11
C GLY A 244 -14.05 7.38 -5.86
N TYR A 245 -12.88 6.73 -5.66
CA TYR A 245 -11.60 7.45 -5.40
C TYR A 245 -11.26 8.40 -6.55
N GLN A 246 -11.73 8.08 -7.74
CA GLN A 246 -11.52 8.91 -8.93
C GLN A 246 -12.17 10.32 -8.80
N GLY A 247 -13.09 10.47 -7.87
CA GLY A 247 -13.75 11.77 -7.64
C GLY A 247 -13.00 12.74 -6.74
N LEU A 248 -11.86 12.29 -6.20
CA LEU A 248 -11.03 13.11 -5.33
C LEU A 248 -10.32 14.23 -6.15
N ARG A 249 -9.96 15.31 -5.48
CA ARG A 249 -9.20 16.41 -6.11
C ARG A 249 -7.81 16.40 -5.53
N THR A 250 -6.86 16.99 -6.23
CA THR A 250 -5.52 16.97 -5.67
C THR A 250 -5.42 18.04 -4.59
N LYS A 251 -6.20 19.11 -4.67
CA LYS A 251 -6.12 20.16 -3.63
C LYS A 251 -7.49 20.69 -3.26
N TYR A 252 -7.71 21.04 -1.99
CA TYR A 252 -9.00 21.51 -1.51
C TYR A 252 -8.86 22.92 -0.96
N SER A 253 -9.99 23.62 -0.93
CA SER A 253 -10.06 25.05 -0.54
C SER A 253 -9.76 25.30 0.92
N ASP A 254 -9.81 24.26 1.73
CA ASP A 254 -9.42 24.39 3.12
C ASP A 254 -8.01 23.88 3.44
N GLY A 255 -7.17 23.74 2.42
CA GLY A 255 -5.80 23.25 2.63
C GLY A 255 -5.64 21.73 2.65
N LYS A 256 -6.77 20.99 2.61
CA LYS A 256 -6.66 19.54 2.50
C LYS A 256 -6.17 19.16 1.11
N ASP A 257 -5.68 17.93 0.94
CA ASP A 257 -5.26 17.41 -0.37
C ASP A 257 -5.81 15.97 -0.56
N ALA A 258 -5.54 15.34 -1.71
CA ALA A 258 -5.99 13.97 -1.94
C ALA A 258 -5.40 13.04 -0.92
N ASN A 259 -4.16 13.32 -0.51
CA ASN A 259 -3.51 12.44 0.50
C ASN A 259 -4.33 12.39 1.79
N TYR A 260 -4.87 13.54 2.24
CA TYR A 260 -5.64 13.62 3.46
C TYR A 260 -6.80 12.58 3.38
N TYR A 261 -7.50 12.60 2.25
CA TYR A 261 -8.66 11.67 2.06
C TYR A 261 -8.20 10.23 1.90
N LEU A 262 -7.04 10.03 1.31
CA LEU A 262 -6.54 8.64 1.12
C LEU A 262 -6.09 8.04 2.47
N ARG A 263 -5.52 8.88 3.39
CA ARG A 263 -5.25 8.34 4.73
C ARG A 263 -6.56 7.89 5.37
N ARG A 264 -7.62 8.68 5.21
CA ARG A 264 -8.94 8.23 5.79
C ARG A 264 -9.45 6.97 5.09
N ALA A 265 -9.25 6.87 3.78
CA ALA A 265 -9.66 5.65 3.04
C ALA A 265 -8.85 4.45 3.52
N LYS A 266 -7.56 4.60 3.84
CA LYS A 266 -6.79 3.43 4.35
C LYS A 266 -7.31 3.04 5.77
N GLU A 267 -7.78 4.02 6.55
CA GLU A 267 -8.30 3.71 7.89
C GLU A 267 -9.53 2.83 7.68
N ASP A 268 -10.37 3.17 6.71
CA ASP A 268 -11.63 2.42 6.45
C ASP A 268 -11.32 0.96 6.08
N ILE A 269 -10.32 0.77 5.22
CA ILE A 269 -9.90 -0.56 4.78
C ILE A 269 -9.43 -1.43 5.97
N ILE A 270 -8.68 -0.81 6.89
CA ILE A 270 -8.15 -1.53 8.04
C ILE A 270 -9.33 -2.02 8.91
N GLU A 271 -10.36 -1.19 9.05
CA GLU A 271 -11.50 -1.56 9.92
C GLU A 271 -12.23 -2.75 9.33
N PHE A 272 -12.46 -2.74 8.01
CA PHE A 272 -13.10 -3.92 7.38
C PHE A 272 -12.26 -5.16 7.37
N LYS A 273 -10.96 -5.03 7.04
CA LYS A 273 -10.08 -6.21 6.95
C LYS A 273 -9.87 -6.89 8.30
N GLU A 274 -9.76 -6.11 9.38
CA GLU A 274 -9.56 -6.72 10.66
C GLU A 274 -10.81 -7.58 11.03
N LYS A 275 -11.96 -7.18 10.51
CA LYS A 275 -13.21 -7.95 10.78
C LYS A 275 -13.38 -9.09 9.79
N ASP A 276 -12.33 -9.41 9.05
CA ASP A 276 -12.31 -10.47 8.08
C ASP A 276 -13.26 -10.28 6.90
N VAL A 277 -13.49 -9.04 6.52
CA VAL A 277 -14.26 -8.71 5.33
C VAL A 277 -13.31 -8.72 4.13
N LYS A 278 -13.68 -9.43 3.06
CA LYS A 278 -12.95 -9.29 1.81
C LYS A 278 -13.31 -8.01 1.11
N ILE A 279 -12.31 -7.28 0.54
CA ILE A 279 -12.61 -5.98 -0.08
C ILE A 279 -12.25 -6.00 -1.56
N HIS A 280 -13.19 -5.58 -2.41
CA HIS A 280 -12.99 -5.42 -3.84
C HIS A 280 -12.91 -3.94 -4.13
N VAL A 281 -11.97 -3.50 -4.96
CA VAL A 281 -12.01 -2.12 -5.43
C VAL A 281 -12.25 -2.15 -6.93
N GLU A 282 -13.17 -1.31 -7.38
CA GLU A 282 -13.45 -1.21 -8.79
C GLU A 282 -12.72 0.03 -9.20
N PHE A 283 -11.65 -0.15 -9.95
CA PHE A 283 -10.83 0.96 -10.43
C PHE A 283 -11.57 1.77 -11.55
N ALA A 284 -11.09 2.94 -11.92
CA ALA A 284 -11.85 3.68 -12.92
C ALA A 284 -10.82 4.44 -13.67
N SER A 285 -11.24 4.99 -14.80
CA SER A 285 -10.38 5.87 -15.55
C SER A 285 -10.09 7.12 -14.67
N VAL A 286 -8.80 7.38 -14.45
CA VAL A 286 -8.38 8.53 -13.69
C VAL A 286 -7.50 9.40 -14.65
N GLN A 287 -8.19 10.39 -15.18
CA GLN A 287 -7.72 11.60 -15.83
C GLN A 287 -6.33 12.05 -15.38
N ASP A 288 -6.29 12.58 -14.17
CA ASP A 288 -5.10 13.16 -13.58
C ASP A 288 -4.11 12.06 -13.25
N ARG A 289 -2.97 12.03 -13.95
CA ARG A 289 -1.93 11.04 -13.67
C ARG A 289 -1.41 11.07 -12.22
N LYS A 290 -1.36 12.27 -11.62
CA LYS A 290 -0.87 12.44 -10.24
C LYS A 290 -1.86 11.78 -9.26
N LEU A 291 -3.13 11.99 -9.49
CA LEU A 291 -4.15 11.32 -8.58
C LEU A 291 -4.20 9.83 -8.84
N ARG A 292 -4.03 9.43 -10.11
CA ARG A 292 -4.11 8.02 -10.49
C ARG A 292 -3.04 7.29 -9.71
N LYS A 293 -1.80 7.83 -9.73
CA LYS A 293 -0.74 7.15 -9.06
C LYS A 293 -1.03 7.07 -7.55
N LYS A 294 -1.56 8.12 -6.96
CA LYS A 294 -1.85 8.08 -5.48
C LYS A 294 -2.89 7.01 -5.12
N ILE A 295 -3.89 6.83 -5.98
CA ILE A 295 -4.91 5.83 -5.70
C ILE A 295 -4.29 4.41 -5.77
N ILE A 296 -3.51 4.17 -6.83
CA ILE A 296 -2.81 2.91 -6.99
C ILE A 296 -1.92 2.68 -5.79
N THR A 297 -1.11 3.68 -5.38
CA THR A 297 -0.23 3.49 -4.18
C THR A 297 -0.95 3.24 -2.86
N ASN A 298 -2.02 4.02 -2.58
CA ASN A 298 -2.63 4.01 -1.26
C ASN A 298 -3.67 2.93 -1.06
N ILE A 299 -4.25 2.48 -2.15
CA ILE A 299 -5.45 1.65 -2.04
C ILE A 299 -5.14 0.23 -2.49
N LEU A 300 -4.66 0.09 -3.70
CA LEU A 300 -4.68 -1.27 -4.32
C LEU A 300 -3.90 -2.35 -3.60
N PRO A 301 -2.71 -2.05 -3.02
CA PRO A 301 -2.04 -3.09 -2.24
C PRO A 301 -2.76 -3.59 -0.99
N PHE A 302 -3.78 -2.89 -0.53
CA PHE A 302 -4.28 -3.13 0.83
C PHE A 302 -5.62 -3.79 0.78
N VAL A 303 -6.06 -4.09 -0.43
CA VAL A 303 -7.40 -4.74 -0.64
C VAL A 303 -7.25 -6.14 -1.20
N ASP A 304 -8.36 -6.86 -1.40
CA ASP A 304 -8.24 -8.28 -1.86
C ASP A 304 -8.38 -8.39 -3.37
N SER A 305 -9.46 -7.85 -3.88
CA SER A 305 -9.83 -8.05 -5.30
C SER A 305 -9.88 -6.69 -5.98
N VAL A 306 -9.42 -6.59 -7.22
CA VAL A 306 -9.42 -5.34 -7.95
C VAL A 306 -9.97 -5.63 -9.35
N GLY A 307 -10.87 -4.78 -9.77
CA GLY A 307 -11.58 -4.94 -11.03
C GLY A 307 -11.17 -3.80 -11.93
N ILE A 308 -10.64 -4.18 -13.09
CA ILE A 308 -10.28 -3.16 -14.12
C ILE A 308 -10.73 -3.53 -15.54
N ASP A 309 -10.85 -2.51 -16.38
CA ASP A 309 -10.82 -2.78 -17.81
C ASP A 309 -9.48 -2.75 -18.51
N GLU A 310 -9.55 -3.05 -19.80
CA GLU A 310 -8.35 -3.22 -20.58
C GLU A 310 -7.52 -1.96 -20.63
N ALA A 311 -8.15 -0.81 -20.86
CA ALA A 311 -7.40 0.47 -20.94
C ALA A 311 -6.65 0.75 -19.64
N GLU A 312 -7.24 0.25 -18.54
CA GLU A 312 -6.67 0.53 -17.22
C GLU A 312 -5.41 -0.28 -16.94
N ILE A 313 -5.22 -1.42 -17.61
CA ILE A 313 -3.96 -2.18 -17.44
C ILE A 313 -2.80 -1.31 -17.84
N ALA A 314 -2.92 -0.71 -19.03
CA ALA A 314 -1.83 0.15 -19.52
C ALA A 314 -1.59 1.40 -18.61
N GLN A 315 -2.67 2.01 -18.16
CA GLN A 315 -2.57 3.21 -17.31
C GLN A 315 -1.88 2.88 -15.99
N ILE A 316 -2.21 1.73 -15.40
CA ILE A 316 -1.53 1.29 -14.16
C ILE A 316 -0.07 0.92 -14.41
N LEU A 317 0.19 0.10 -15.44
CA LEU A 317 1.59 -0.22 -15.81
C LEU A 317 2.45 1.01 -15.94
N SER A 318 1.87 1.99 -16.59
CA SER A 318 2.63 3.19 -16.87
C SER A 318 3.09 3.85 -15.56
N VAL A 319 2.18 4.02 -14.61
CA VAL A 319 2.60 4.61 -13.34
C VAL A 319 3.53 3.73 -12.50
N LEU A 320 3.52 2.43 -12.75
CA LEU A 320 4.44 1.53 -12.02
C LEU A 320 5.83 1.41 -12.65
N GLY A 321 6.04 2.08 -13.77
CA GLY A 321 7.38 2.05 -14.43
C GLY A 321 7.51 1.12 -15.62
N TYR A 322 6.45 0.38 -15.92
CA TYR A 322 6.47 -0.50 -17.09
C TYR A 322 6.00 0.23 -18.35
N ARG A 323 6.87 1.11 -18.86
CA ARG A 323 6.48 1.99 -19.93
C ARG A 323 6.44 1.23 -21.26
N GLU A 324 7.44 0.38 -21.52
CA GLU A 324 7.52 -0.41 -22.78
C GLU A 324 6.22 -1.21 -22.94
N LEU A 325 5.85 -1.96 -21.90
CA LEU A 325 4.64 -2.77 -21.98
C LEU A 325 3.40 -1.93 -22.12
N ALA A 326 3.30 -0.80 -21.40
CA ALA A 326 2.08 0.04 -21.49
C ALA A 326 1.91 0.51 -22.94
N ASP A 327 3.01 0.96 -23.55
CA ASP A 327 2.98 1.39 -24.95
C ASP A 327 2.49 0.27 -25.86
N ARG A 328 2.98 -0.93 -25.63
CA ARG A 328 2.65 -2.09 -26.47
C ARG A 328 1.19 -2.49 -26.37
N ILE A 329 0.65 -2.50 -25.15
CA ILE A 329 -0.75 -2.76 -24.95
C ILE A 329 -1.58 -1.68 -25.62
N PHE A 330 -1.14 -0.43 -25.45
CA PHE A 330 -1.87 0.64 -26.10
C PHE A 330 -1.80 0.51 -27.62
N THR A 331 -0.61 0.34 -28.19
CA THR A 331 -0.48 0.27 -29.63
C THR A 331 -1.22 -0.96 -30.21
N TYR A 332 -0.87 -2.18 -29.78
CA TYR A 332 -1.45 -3.39 -30.40
C TYR A 332 -2.63 -4.08 -29.75
N ASN A 333 -2.90 -3.83 -28.47
CA ASN A 333 -3.92 -4.60 -27.73
C ASN A 333 -3.88 -6.15 -27.83
N ARG A 334 -2.70 -6.75 -27.81
CA ARG A 334 -2.57 -8.22 -27.82
C ARG A 334 -3.01 -8.85 -26.47
N LEU A 335 -3.85 -9.89 -26.54
CA LEU A 335 -4.22 -10.70 -25.33
C LEU A 335 -3.01 -11.16 -24.52
N GLU A 336 -1.99 -11.65 -25.19
CA GLU A 336 -0.74 -12.01 -24.48
C GLU A 336 -0.21 -10.86 -23.62
N ASP A 337 -0.27 -9.63 -24.13
CA ASP A 337 0.29 -8.47 -23.38
C ASP A 337 -0.63 -8.06 -22.21
N SER A 338 -1.95 -8.20 -22.38
CA SER A 338 -2.90 -7.95 -21.30
C SER A 338 -2.70 -8.94 -20.16
N ILE A 339 -2.46 -10.23 -20.48
CA ILE A 339 -2.20 -11.25 -19.46
C ILE A 339 -0.86 -10.88 -18.79
N LEU A 340 0.16 -10.54 -19.60
CA LEU A 340 1.44 -10.17 -18.94
C LEU A 340 1.27 -8.94 -18.06
N GLY A 341 0.58 -7.90 -18.53
CA GLY A 341 0.39 -6.69 -17.74
C GLY A 341 -0.40 -6.98 -16.46
N GLY A 342 -1.43 -7.81 -16.56
CA GLY A 342 -2.12 -8.27 -15.29
C GLY A 342 -1.23 -9.00 -14.26
N MET A 343 -0.36 -9.88 -14.76
CA MET A 343 0.56 -10.57 -13.93
C MET A 343 1.51 -9.63 -13.21
N ILE A 344 2.03 -8.66 -13.96
CA ILE A 344 2.96 -7.65 -13.40
C ILE A 344 2.27 -6.75 -12.36
N ILE A 345 1.04 -6.33 -12.64
CA ILE A 345 0.30 -5.45 -11.73
C ILE A 345 0.08 -6.25 -10.43
N LEU A 346 -0.26 -7.53 -10.56
CA LEU A 346 -0.56 -8.35 -9.34
C LEU A 346 0.76 -8.54 -8.56
N ASP A 347 1.86 -8.73 -9.29
CA ASP A 347 3.18 -8.98 -8.70
C ASP A 347 3.62 -7.72 -7.97
N GLU A 348 3.36 -6.56 -8.57
CA GLU A 348 3.88 -5.30 -7.99
C GLU A 348 3.11 -4.88 -6.75
N LEU A 349 1.78 -4.98 -6.84
CA LEU A 349 0.87 -4.39 -5.83
C LEU A 349 0.43 -5.41 -4.82
N ASN A 350 0.43 -6.68 -5.21
CA ASN A 350 0.39 -7.79 -4.23
C ASN A 350 -0.92 -7.78 -3.42
N PHE A 351 -1.98 -7.40 -4.10
CA PHE A 351 -3.33 -7.74 -3.61
C PHE A 351 -3.58 -9.21 -3.92
N GLU A 352 -4.82 -9.70 -3.81
CA GLU A 352 -5.08 -11.15 -3.92
C GLU A 352 -5.48 -11.64 -5.31
N ILE A 353 -6.40 -10.96 -5.98
CA ILE A 353 -6.88 -11.37 -7.28
C ILE A 353 -7.23 -10.17 -8.13
N LEU A 354 -6.81 -10.23 -9.41
CA LEU A 354 -7.16 -9.21 -10.37
C LEU A 354 -8.21 -9.74 -11.35
N GLN A 355 -9.22 -8.95 -11.62
CA GLN A 355 -10.17 -9.29 -12.67
C GLN A 355 -10.09 -8.17 -13.72
N VAL A 356 -10.01 -8.57 -15.00
CA VAL A 356 -9.97 -7.65 -16.08
C VAL A 356 -11.14 -7.96 -16.94
N HIS A 357 -11.87 -6.92 -17.30
CA HIS A 357 -12.99 -7.11 -18.29
C HIS A 357 -12.73 -6.32 -19.55
N THR A 358 -13.04 -6.96 -20.70
CA THR A 358 -12.86 -6.35 -21.98
C THR A 358 -14.10 -6.72 -22.84
N THR A 359 -14.22 -6.16 -24.03
CA THR A 359 -15.40 -6.38 -24.87
C THR A 359 -15.63 -7.86 -25.06
N TYR A 360 -14.57 -8.59 -25.45
CA TYR A 360 -14.76 -10.01 -25.85
C TYR A 360 -14.34 -11.11 -24.89
N TYR A 361 -13.62 -10.77 -23.81
CA TYR A 361 -13.17 -11.72 -22.83
C TYR A 361 -13.04 -11.05 -21.47
N LEU A 362 -13.20 -11.90 -20.44
CA LEU A 362 -12.95 -11.59 -19.02
C LEU A 362 -11.80 -12.44 -18.57
N MET A 363 -11.06 -11.96 -17.56
CA MET A 363 -9.89 -12.68 -17.07
C MET A 363 -9.73 -12.50 -15.60
N TYR A 364 -9.29 -13.57 -14.95
CA TYR A 364 -8.79 -13.52 -13.58
C TYR A 364 -7.31 -13.88 -13.59
N ILE A 365 -6.56 -13.17 -12.75
CA ILE A 365 -5.18 -13.48 -12.47
C ILE A 365 -5.01 -13.47 -10.95
N THR A 366 -4.61 -14.63 -10.42
CA THR A 366 -4.44 -14.86 -8.96
C THR A 366 -3.04 -15.40 -8.68
N HIS A 367 -2.71 -15.44 -7.38
CA HIS A 367 -1.45 -16.03 -6.93
C HIS A 367 -1.56 -17.53 -7.04
N ARG A 368 -0.41 -18.21 -7.16
CA ARG A 368 -0.42 -19.67 -7.27
C ARG A 368 -1.11 -20.34 -6.09
N ASP A 369 -1.17 -19.67 -4.93
CA ASP A 369 -1.83 -20.26 -3.74
C ASP A 369 -3.29 -19.90 -3.49
N ASN A 370 -3.92 -19.23 -4.44
CA ASN A 370 -5.32 -18.91 -4.30
C ASN A 370 -6.09 -20.23 -4.04
N PRO A 371 -7.02 -20.20 -3.11
CA PRO A 371 -7.83 -21.40 -2.76
C PRO A 371 -8.74 -21.92 -3.88
N LEU A 372 -9.14 -21.06 -4.82
CA LEU A 372 -10.09 -21.48 -5.84
C LEU A 372 -9.39 -22.28 -6.95
N SER A 373 -10.09 -23.28 -7.49
CA SER A 373 -9.65 -23.96 -8.69
C SER A 373 -9.87 -23.10 -9.93
N GLU A 374 -9.23 -23.45 -11.02
CA GLU A 374 -9.46 -22.77 -12.28
C GLU A 374 -10.92 -22.92 -12.74
N GLU A 375 -11.54 -24.03 -12.39
CA GLU A 375 -12.96 -24.19 -12.69
C GLU A 375 -13.85 -23.20 -11.90
N GLU A 376 -13.58 -23.02 -10.61
CA GLU A 376 -14.30 -22.04 -9.81
C GLU A 376 -14.10 -20.63 -10.27
N LEU A 377 -12.85 -20.30 -10.63
CA LEU A 377 -12.53 -19.00 -11.16
C LEU A 377 -13.29 -18.75 -12.45
N ALA A 378 -13.32 -19.74 -13.35
CA ALA A 378 -14.14 -19.63 -14.60
C ALA A 378 -15.62 -19.42 -14.29
N LYS A 379 -16.16 -20.16 -13.34
CA LYS A 379 -17.60 -19.98 -13.08
C LYS A 379 -17.94 -18.59 -12.50
N SER A 380 -17.03 -18.06 -11.70
CA SER A 380 -17.21 -16.70 -11.10
C SER A 380 -17.19 -15.69 -12.25
N LEU A 381 -16.21 -15.81 -13.16
CA LEU A 381 -16.21 -14.94 -14.37
C LEU A 381 -17.45 -15.14 -15.20
N GLU A 382 -17.81 -16.41 -15.41
CA GLU A 382 -19.04 -16.62 -16.16
C GLU A 382 -20.23 -15.93 -15.53
N PHE A 383 -20.30 -15.95 -14.21
CA PHE A 383 -21.47 -15.35 -13.54
C PHE A 383 -21.44 -13.83 -13.77
N GLY A 384 -20.26 -13.23 -13.74
CA GLY A 384 -20.16 -11.79 -14.00
C GLY A 384 -20.66 -11.42 -15.38
N THR A 385 -20.21 -12.13 -16.43
CA THR A 385 -20.59 -11.69 -17.77
C THR A 385 -22.10 -12.03 -18.01
N THR A 386 -22.54 -13.08 -17.36
CA THR A 386 -23.96 -13.51 -17.54
C THR A 386 -24.91 -12.50 -16.87
N LEU A 387 -24.48 -12.00 -15.73
CA LEU A 387 -25.27 -10.97 -15.02
C LEU A 387 -25.30 -9.70 -15.83
N ALA A 388 -24.15 -9.27 -16.34
CA ALA A 388 -24.13 -8.13 -17.27
C ALA A 388 -25.05 -8.41 -18.46
N ALA A 389 -24.99 -9.60 -19.07
CA ALA A 389 -25.82 -9.88 -20.25
C ALA A 389 -27.31 -9.73 -19.88
N ALA A 390 -27.69 -10.26 -18.72
CA ALA A 390 -29.06 -10.09 -18.22
C ALA A 390 -29.45 -8.64 -18.05
N ARG A 391 -28.58 -7.87 -17.40
CA ARG A 391 -28.84 -6.47 -17.16
C ARG A 391 -28.93 -5.67 -18.49
N ALA A 392 -28.05 -6.01 -19.43
CA ALA A 392 -28.05 -5.37 -20.76
C ALA A 392 -29.32 -5.71 -21.52
N SER A 393 -29.85 -6.90 -21.27
CA SER A 393 -31.03 -7.37 -22.00
C SER A 393 -32.34 -6.82 -21.41
N LEU A 394 -32.38 -6.66 -20.07
CA LEU A 394 -33.58 -6.25 -19.32
C LEU A 394 -33.62 -4.79 -18.89
N GLY A 395 -32.47 -4.15 -18.75
CA GLY A 395 -32.43 -2.77 -18.25
C GLY A 395 -32.25 -2.60 -16.75
N ASP A 396 -32.83 -3.52 -15.97
CA ASP A 396 -32.67 -3.57 -14.54
C ASP A 396 -32.99 -4.96 -13.98
N ILE A 397 -32.25 -5.35 -12.96
CA ILE A 397 -32.38 -6.68 -12.35
C ILE A 397 -33.41 -6.50 -11.24
N ARG A 398 -34.45 -7.31 -11.30
CA ARG A 398 -35.57 -7.17 -10.36
C ARG A 398 -35.76 -8.34 -9.44
N GLY A 399 -35.24 -9.49 -9.84
CA GLY A 399 -35.34 -10.68 -9.01
C GLY A 399 -34.25 -11.62 -9.48
N PRO A 400 -33.88 -12.63 -8.67
CA PRO A 400 -32.87 -13.62 -9.09
C PRO A 400 -33.17 -14.41 -10.39
N ASP A 401 -34.45 -14.66 -10.69
CA ASP A 401 -34.79 -15.28 -11.96
C ASP A 401 -34.28 -14.50 -13.20
N ASP A 402 -34.03 -13.20 -13.08
CA ASP A 402 -33.53 -12.41 -14.23
C ASP A 402 -32.17 -12.90 -14.74
N TYR A 403 -31.35 -13.46 -13.84
CA TYR A 403 -30.06 -14.08 -14.22
C TYR A 403 -30.22 -15.04 -15.39
N LYS A 404 -31.33 -15.77 -15.41
CA LYS A 404 -31.56 -16.78 -16.45
C LYS A 404 -31.69 -16.17 -17.84
N VAL A 405 -32.15 -14.92 -17.90
CA VAL A 405 -32.20 -14.20 -19.16
C VAL A 405 -30.79 -14.12 -19.76
N GLY A 406 -29.78 -13.86 -18.91
CA GLY A 406 -28.39 -13.79 -19.34
C GLY A 406 -27.88 -15.12 -19.91
N LEU A 407 -28.33 -16.24 -19.35
CA LEU A 407 -27.91 -17.59 -19.79
C LEU A 407 -28.31 -17.89 -21.22
N LYS A 408 -29.31 -17.16 -21.71
CA LYS A 408 -29.84 -17.34 -23.05
C LYS A 408 -28.99 -16.58 -24.04
N VAL A 409 -28.04 -15.79 -23.57
CA VAL A 409 -27.22 -15.00 -24.51
C VAL A 409 -25.95 -15.81 -24.79
N PRO A 410 -25.65 -16.13 -26.09
CA PRO A 410 -24.54 -17.04 -26.29
C PRO A 410 -23.19 -16.33 -25.99
N PHE A 411 -22.14 -17.10 -25.75
CA PHE A 411 -20.79 -16.56 -25.73
C PHE A 411 -20.48 -16.00 -27.13
N ASN A 412 -19.70 -14.92 -27.20
CA ASN A 412 -19.63 -14.18 -28.45
C ASN A 412 -18.92 -14.93 -29.57
N GLU A 413 -19.01 -14.40 -30.80
CA GLU A 413 -18.44 -15.10 -31.98
C GLU A 413 -16.93 -15.31 -31.93
N ARG A 414 -16.24 -14.54 -31.09
CA ARG A 414 -14.78 -14.61 -31.01
C ARG A 414 -14.26 -15.59 -29.98
N SER A 415 -15.16 -16.42 -29.43
CA SER A 415 -14.84 -17.32 -28.35
C SER A 415 -13.72 -18.29 -28.70
N GLU A 416 -13.84 -18.99 -29.83
CA GLU A 416 -12.77 -19.90 -30.27
C GLU A 416 -11.46 -19.16 -30.43
N TYR A 417 -11.52 -17.98 -31.04
CA TYR A 417 -10.31 -17.19 -31.33
C TYR A 417 -9.68 -16.75 -30.00
N VAL A 418 -10.51 -16.30 -29.03
CA VAL A 418 -9.98 -15.91 -27.73
C VAL A 418 -9.23 -17.09 -27.07
N LYS A 419 -9.84 -18.29 -27.11
CA LYS A 419 -9.23 -19.44 -26.45
C LYS A 419 -7.94 -19.89 -27.12
N LEU A 420 -7.91 -19.84 -28.44
CA LEU A 420 -6.69 -20.14 -29.15
C LEU A 420 -5.56 -19.19 -28.77
N ARG A 421 -5.82 -17.89 -28.76
CA ARG A 421 -4.80 -16.90 -28.42
C ARG A 421 -4.35 -17.08 -26.96
N PHE A 422 -5.30 -17.49 -26.10
CA PHE A 422 -4.98 -17.74 -24.69
C PHE A 422 -3.98 -18.95 -24.56
N GLU A 423 -4.21 -20.02 -25.29
CA GLU A 423 -3.31 -21.17 -25.22
C GLU A 423 -1.89 -20.73 -25.74
N GLU A 424 -1.86 -19.97 -26.83
CA GLU A 424 -0.60 -19.47 -27.39
C GLU A 424 0.14 -18.61 -26.38
N ALA A 425 -0.60 -17.80 -25.63
CA ALA A 425 -0.02 -16.89 -24.66
C ALA A 425 0.63 -17.69 -23.54
N LYS A 426 -0.07 -18.73 -23.06
CA LYS A 426 0.48 -19.68 -22.05
C LYS A 426 1.80 -20.34 -22.42
N SER A 427 1.95 -20.71 -23.69
CA SER A 427 3.18 -21.26 -24.21
C SER A 427 4.31 -20.23 -24.24
N ARG A 428 3.95 -18.95 -24.29
CA ARG A 428 4.94 -17.90 -24.43
C ARG A 428 5.27 -17.25 -23.10
N LEU A 429 4.33 -17.21 -22.16
CA LEU A 429 4.61 -16.55 -20.90
C LEU A 429 4.94 -17.51 -19.75
N ARG A 430 5.75 -17.03 -18.81
CA ARG A 430 6.03 -17.81 -17.60
C ARG A 430 4.77 -17.87 -16.74
N MET A 431 4.11 -19.04 -16.68
CA MET A 431 2.82 -19.14 -15.96
C MET A 431 2.90 -19.49 -14.46
N ARG A 432 4.06 -19.98 -13.99
CA ARG A 432 4.11 -20.72 -12.72
C ARG A 432 3.70 -19.98 -11.45
N GLU A 433 3.92 -18.68 -11.40
CA GLU A 433 3.58 -17.94 -10.20
C GLU A 433 2.10 -17.56 -10.09
N TYR A 434 1.24 -18.07 -11.02
CA TYR A 434 -0.12 -17.56 -11.14
C TYR A 434 -1.15 -18.62 -11.50
N LYS A 435 -2.40 -18.34 -11.16
CA LYS A 435 -3.53 -18.97 -11.89
C LYS A 435 -4.14 -17.91 -12.80
N VAL A 436 -4.32 -18.24 -14.09
CA VAL A 436 -4.91 -17.32 -15.06
C VAL A 436 -6.05 -18.04 -15.74
N VAL A 437 -7.18 -17.38 -15.79
CA VAL A 437 -8.36 -17.94 -16.42
C VAL A 437 -8.96 -16.87 -17.31
N VAL A 438 -9.24 -17.21 -18.57
CA VAL A 438 -9.82 -16.27 -19.50
C VAL A 438 -11.09 -16.90 -20.06
N ILE A 439 -12.19 -16.17 -19.98
CA ILE A 439 -13.42 -16.66 -20.61
C ILE A 439 -13.99 -15.63 -21.57
N PRO A 440 -14.66 -16.08 -22.64
CA PRO A 440 -15.37 -15.16 -23.52
C PRO A 440 -16.56 -14.50 -22.81
N THR A 441 -16.92 -13.30 -23.26
CA THR A 441 -18.10 -12.61 -22.75
C THR A 441 -19.38 -13.10 -23.50
N ARG A 442 -20.50 -12.95 -22.81
CA ARG A 442 -21.85 -13.09 -23.42
C ARG A 442 -22.31 -11.74 -23.87
N LEU A 443 -22.16 -11.41 -25.16
CA LEU A 443 -22.47 -10.07 -25.65
C LEU A 443 -23.86 -10.02 -26.18
N VAL A 444 -24.66 -9.09 -25.70
CA VAL A 444 -26.05 -8.87 -26.16
C VAL A 444 -25.90 -8.00 -27.39
N GLN A 445 -26.45 -8.50 -28.50
CA GLN A 445 -26.31 -7.84 -29.79
C GLN A 445 -27.03 -6.48 -29.82
N ASN A 446 -28.26 -6.42 -29.29
CA ASN A 446 -29.00 -5.14 -29.35
C ASN A 446 -29.48 -4.79 -27.95
N PRO A 447 -28.58 -4.27 -27.08
CA PRO A 447 -28.96 -4.17 -25.68
C PRO A 447 -29.90 -2.99 -25.36
N VAL A 448 -30.73 -3.17 -24.33
CA VAL A 448 -31.62 -2.09 -23.89
C VAL A 448 -30.84 -1.11 -23.03
N LEU A 449 -29.72 -1.56 -22.46
CA LEU A 449 -28.93 -0.72 -21.56
C LEU A 449 -27.45 -1.06 -21.71
N THR A 450 -26.57 -0.05 -21.73
CA THR A 450 -25.13 -0.38 -21.75
C THR A 450 -24.32 0.35 -20.65
N VAL A 451 -24.92 1.32 -19.96
CA VAL A 451 -24.16 2.04 -18.93
C VAL A 451 -23.83 1.20 -17.69
N GLY A 452 -22.58 1.18 -17.29
CA GLY A 452 -22.26 0.55 -16.00
C GLY A 452 -22.10 -0.95 -16.09
N LEU A 453 -22.04 -1.53 -17.30
CA LEU A 453 -21.95 -3.00 -17.41
C LEU A 453 -20.68 -3.56 -16.82
N GLY A 454 -19.59 -2.79 -16.87
CA GLY A 454 -18.34 -3.28 -16.26
C GLY A 454 -18.51 -3.39 -14.74
N ASP A 455 -19.20 -2.43 -14.12
CA ASP A 455 -19.46 -2.54 -12.69
C ASP A 455 -20.32 -3.77 -12.35
N THR A 456 -21.27 -4.05 -13.21
CA THR A 456 -22.15 -5.25 -13.03
C THR A 456 -21.32 -6.52 -13.11
N ILE A 457 -20.37 -6.55 -14.05
CA ILE A 457 -19.49 -7.72 -14.19
C ILE A 457 -18.66 -7.91 -12.93
N SER A 458 -18.03 -6.84 -12.48
CA SER A 458 -17.22 -6.87 -11.27
C SER A 458 -17.97 -7.29 -10.00
N ALA A 459 -19.18 -6.76 -9.81
CA ALA A 459 -20.05 -7.10 -8.68
C ALA A 459 -20.36 -8.58 -8.72
N GLY A 460 -20.79 -9.06 -9.89
CA GLY A 460 -21.12 -10.51 -10.01
C GLY A 460 -19.93 -11.44 -9.84
N ALA A 461 -18.80 -11.14 -10.48
CA ALA A 461 -17.62 -12.00 -10.24
C ALA A 461 -17.17 -12.00 -8.80
N PHE A 462 -17.20 -10.82 -8.15
CA PHE A 462 -16.70 -10.70 -6.79
C PHE A 462 -17.67 -11.42 -5.85
N LEU A 463 -18.95 -11.24 -6.07
CA LEU A 463 -19.92 -11.98 -5.18
C LEU A 463 -19.76 -13.54 -5.19
N THR A 464 -19.63 -14.09 -6.40
CA THR A 464 -19.39 -15.53 -6.58
C THR A 464 -18.01 -15.96 -6.07
N TYR A 465 -17.01 -15.09 -6.22
CA TYR A 465 -15.69 -15.35 -5.63
C TYR A 465 -15.81 -15.58 -4.12
N LEU A 466 -16.53 -14.67 -3.47
CA LEU A 466 -16.78 -14.78 -2.03
C LEU A 466 -17.42 -16.10 -1.63
N GLU A 467 -18.44 -16.47 -2.36
CA GLU A 467 -19.16 -17.72 -2.12
C GLU A 467 -18.24 -18.95 -2.29
N PHE A 468 -17.42 -18.94 -3.33
CA PHE A 468 -16.47 -20.06 -3.52
C PHE A 468 -15.43 -20.12 -2.39
N LEU A 469 -14.99 -18.97 -1.91
CA LEU A 469 -14.02 -18.95 -0.80
C LEU A 469 -14.60 -19.65 0.44
N LYS A 470 -15.92 -19.60 0.58
CA LYS A 470 -16.61 -20.24 1.73
C LYS A 470 -16.62 -21.75 1.68
N ARG A 471 -16.21 -22.32 0.56
CA ARG A 471 -16.14 -23.77 0.50
C ARG A 471 -14.72 -24.29 0.62
N HIS A 472 -13.81 -23.41 1.04
CA HIS A 472 -12.41 -23.80 1.21
C HIS A 472 -11.92 -23.57 2.64
N MET B 23 11.80 14.39 30.82
CA MET B 23 11.77 13.08 31.54
C MET B 23 11.91 11.90 30.54
N ILE B 24 11.99 10.68 31.08
CA ILE B 24 11.89 9.46 30.28
C ILE B 24 10.40 9.11 30.20
N PRO B 25 9.85 8.92 28.99
CA PRO B 25 8.48 8.39 29.02
C PRO B 25 8.55 7.02 29.68
N GLU B 26 7.67 6.72 30.61
CA GLU B 26 7.81 5.44 31.27
C GLU B 26 6.56 4.63 30.99
N HIS B 27 5.43 5.36 30.93
CA HIS B 27 4.09 4.81 30.89
C HIS B 27 3.72 4.41 29.45
N LEU B 28 4.55 3.56 28.83
CA LEU B 28 4.30 3.14 27.43
C LEU B 28 4.70 1.70 27.30
N SER B 29 4.00 0.94 26.45
CA SER B 29 4.30 -0.48 26.20
C SER B 29 4.50 -0.61 24.71
N ILE B 30 5.57 -1.30 24.31
CA ILE B 30 5.96 -1.33 22.95
C ILE B 30 6.22 -2.78 22.56
N TYR B 31 5.78 -3.13 21.35
CA TYR B 31 6.05 -4.42 20.73
C TYR B 31 7.08 -4.17 19.62
N THR B 32 8.10 -5.03 19.49
CA THR B 32 9.09 -4.82 18.41
C THR B 32 9.23 -6.15 17.70
N ALA B 33 9.43 -6.14 16.38
CA ALA B 33 9.60 -7.38 15.62
C ALA B 33 10.29 -6.91 14.37
N TYR B 34 10.93 -7.78 13.60
CA TYR B 34 10.95 -9.25 13.63
C TYR B 34 12.40 -9.77 13.69
N ASN B 35 13.39 -8.88 13.54
CA ASN B 35 14.79 -9.31 13.33
C ASN B 35 15.67 -9.19 14.56
N ALA B 36 16.17 -10.33 15.03
CA ALA B 36 17.19 -10.34 16.09
C ALA B 36 18.21 -11.39 15.73
N ASN B 37 19.47 -11.15 16.05
CA ASN B 37 20.44 -12.15 15.64
C ASN B 37 21.59 -12.10 16.67
N ILE B 38 22.55 -13.00 16.52
CA ILE B 38 23.80 -12.90 17.33
C ILE B 38 24.93 -12.26 16.51
N ALA B 39 25.69 -11.30 17.08
CA ALA B 39 26.91 -10.84 16.45
C ALA B 39 28.03 -11.41 17.30
N ALA B 40 28.80 -12.31 16.71
CA ALA B 40 29.83 -13.03 17.45
C ALA B 40 31.19 -12.61 16.93
N ILE B 41 32.19 -12.51 17.79
CA ILE B 41 33.56 -12.10 17.36
C ILE B 41 34.49 -13.27 17.57
N VAL B 42 35.36 -13.56 16.59
CA VAL B 42 36.38 -14.57 16.75
C VAL B 42 37.72 -13.84 16.61
N LYS B 43 38.64 -14.15 17.51
CA LYS B 43 40.02 -13.59 17.46
C LYS B 43 40.93 -14.53 16.71
N LEU B 44 41.32 -14.09 15.53
CA LEU B 44 42.22 -14.89 14.70
C LEU B 44 43.65 -14.68 15.13
N ASN B 45 44.11 -15.40 16.13
CA ASN B 45 45.51 -15.32 16.49
C ASN B 45 46.29 -16.34 15.64
N GLN B 46 47.63 -16.31 15.70
CA GLN B 46 48.45 -17.17 14.82
C GLN B 46 48.08 -18.64 14.88
N GLU B 47 47.82 -19.15 16.07
CA GLU B 47 47.48 -20.55 16.27
C GLU B 47 46.07 -20.91 15.71
N THR B 48 45.09 -20.01 15.87
CA THR B 48 43.74 -20.22 15.34
C THR B 48 43.83 -20.29 13.82
N ILE B 49 44.54 -19.35 13.23
CA ILE B 49 44.69 -19.33 11.78
C ILE B 49 45.43 -20.58 11.26
N GLN B 50 46.53 -20.94 11.91
CA GLN B 50 47.33 -22.05 11.43
C GLN B 50 46.60 -23.38 11.60
N ASN B 51 45.94 -23.60 12.74
CA ASN B 51 45.19 -24.85 12.90
C ASN B 51 44.04 -24.94 11.90
N LEU B 52 43.44 -23.81 11.56
CA LEU B 52 42.36 -23.83 10.58
C LEU B 52 42.84 -24.29 9.21
N ILE B 53 43.90 -23.61 8.72
CA ILE B 53 44.53 -23.82 7.43
C ILE B 53 45.09 -25.24 7.35
N ASN B 54 45.65 -25.73 8.45
CA ASN B 54 46.34 -27.05 8.45
C ASN B 54 45.43 -28.23 8.09
N ALA B 55 44.16 -28.03 8.29
CA ALA B 55 43.13 -29.03 7.98
C ALA B 55 43.01 -29.24 6.47
N PHE B 56 43.48 -28.29 5.67
CA PHE B 56 43.23 -28.30 4.22
C PHE B 56 44.47 -28.56 3.36
N ASP B 57 44.28 -29.12 2.17
CA ASP B 57 45.39 -29.27 1.23
C ASP B 57 45.73 -27.85 0.74
N PRO B 58 46.98 -27.39 0.98
CA PRO B 58 47.29 -26.01 0.59
C PRO B 58 47.07 -25.75 -0.91
N ASP B 59 47.30 -26.74 -1.78
CA ASP B 59 47.06 -26.56 -3.22
C ASP B 59 45.58 -26.41 -3.55
N GLU B 60 44.75 -27.07 -2.77
CA GLU B 60 43.32 -26.98 -3.00
C GLU B 60 42.83 -25.63 -2.49
N VAL B 61 43.48 -25.13 -1.45
CA VAL B 61 43.17 -23.78 -0.95
C VAL B 61 43.54 -22.76 -2.03
N LYS B 62 44.74 -22.86 -2.56
CA LYS B 62 45.11 -21.94 -3.62
C LYS B 62 44.17 -21.99 -4.83
N ARG B 63 43.81 -23.19 -5.27
CA ARG B 63 42.88 -23.33 -6.36
C ARG B 63 41.53 -22.66 -6.08
N ARG B 64 40.97 -22.86 -4.89
CA ARG B 64 39.67 -22.22 -4.54
C ARG B 64 39.78 -20.71 -4.51
N ILE B 65 40.96 -20.24 -4.07
CA ILE B 65 41.20 -18.79 -4.10
C ILE B 65 41.16 -18.25 -5.54
N GLU B 66 41.82 -18.94 -6.49
CA GLU B 66 41.74 -18.61 -7.91
C GLU B 66 40.29 -18.59 -8.44
N GLU B 67 39.47 -19.57 -8.05
CA GLU B 67 38.04 -19.58 -8.39
C GLU B 67 37.25 -18.44 -7.79
N TYR B 68 37.60 -18.08 -6.57
CA TYR B 68 37.10 -16.93 -5.86
C TYR B 68 35.59 -16.97 -5.64
N PRO B 69 35.14 -17.82 -4.70
CA PRO B 69 33.72 -18.00 -4.42
C PRO B 69 33.12 -16.70 -3.86
N ARG B 70 31.95 -16.31 -4.35
CA ARG B 70 31.31 -15.12 -3.81
C ARG B 70 30.45 -15.39 -2.59
N GLU B 71 30.26 -16.66 -2.28
CA GLU B 71 29.41 -17.03 -1.10
C GLU B 71 29.99 -18.30 -0.48
N ILE B 72 29.69 -18.53 0.80
CA ILE B 72 30.28 -19.70 1.50
C ILE B 72 29.26 -20.82 1.60
N ASN B 73 29.55 -21.97 0.96
CA ASN B 73 28.67 -23.13 0.97
C ASN B 73 29.33 -24.30 1.67
N GLU B 74 30.67 -24.27 1.70
CA GLU B 74 31.51 -25.34 2.21
C GLU B 74 32.71 -24.72 2.97
N PRO B 75 33.27 -25.44 3.98
CA PRO B 75 34.41 -24.91 4.75
C PRO B 75 35.55 -24.38 3.88
N ILE B 76 35.87 -25.05 2.78
CA ILE B 76 36.92 -24.54 1.87
C ILE B 76 36.70 -23.13 1.23
N ASP B 77 35.44 -22.78 0.94
CA ASP B 77 35.06 -21.45 0.45
C ASP B 77 35.46 -20.41 1.50
N PHE B 78 35.17 -20.71 2.77
CA PHE B 78 35.47 -19.78 3.87
C PHE B 78 36.97 -19.65 4.05
N VAL B 79 37.67 -20.79 4.13
CA VAL B 79 39.13 -20.71 4.29
C VAL B 79 39.78 -19.96 3.10
N ALA B 80 39.32 -20.28 1.88
CA ALA B 80 39.87 -19.63 0.68
C ALA B 80 39.71 -18.10 0.76
N ARG B 81 38.48 -17.63 1.02
CA ARG B 81 38.25 -16.18 1.04
C ARG B 81 39.01 -15.50 2.21
N LEU B 82 39.01 -16.18 3.36
CA LEU B 82 39.70 -15.69 4.52
C LEU B 82 41.21 -15.57 4.25
N VAL B 83 41.86 -16.60 3.71
CA VAL B 83 43.32 -16.55 3.49
C VAL B 83 43.65 -15.44 2.48
N HIS B 84 42.81 -15.29 1.47
CA HIS B 84 42.99 -14.24 0.49
C HIS B 84 42.87 -12.85 1.15
N THR B 85 41.84 -12.61 2.00
CA THR B 85 41.82 -11.32 2.72
C THR B 85 43.02 -11.12 3.69
N LEU B 86 43.49 -12.20 4.33
CA LEU B 86 44.63 -12.06 5.28
C LEU B 86 45.89 -11.65 4.53
N LYS B 87 46.11 -12.25 3.37
CA LYS B 87 47.28 -11.91 2.57
C LYS B 87 47.22 -10.46 2.09
N LEU B 88 46.04 -10.01 1.73
CA LEU B 88 45.88 -8.63 1.27
C LEU B 88 45.74 -7.65 2.43
N GLY B 89 45.46 -8.16 3.63
CA GLY B 89 45.05 -7.27 4.75
C GLY B 89 43.77 -6.47 4.47
N LYS B 90 42.81 -7.10 3.80
CA LYS B 90 41.68 -6.37 3.23
C LYS B 90 40.40 -6.71 3.96
N PRO B 91 39.70 -5.72 4.56
CA PRO B 91 38.40 -6.07 5.18
C PRO B 91 37.40 -6.57 4.12
N ALA B 92 36.57 -7.55 4.47
CA ALA B 92 35.66 -8.10 3.47
C ALA B 92 34.48 -8.66 4.21
N ALA B 93 33.38 -8.82 3.49
CA ALA B 93 32.20 -9.48 4.05
C ALA B 93 31.76 -10.49 3.00
N VAL B 94 31.55 -11.75 3.42
CA VAL B 94 31.14 -12.84 2.50
C VAL B 94 29.93 -13.52 3.13
N PRO B 95 28.84 -13.73 2.37
CA PRO B 95 27.68 -14.44 3.01
C PRO B 95 27.80 -15.97 3.17
N LEU B 96 27.34 -16.48 4.33
CA LEU B 96 27.10 -17.88 4.55
C LEU B 96 25.75 -18.28 4.00
N VAL B 97 25.70 -19.26 3.08
CA VAL B 97 24.43 -19.55 2.41
C VAL B 97 24.00 -20.99 2.73
N ASN B 98 24.79 -21.60 3.61
CA ASN B 98 24.64 -22.99 4.03
C ASN B 98 24.43 -23.10 5.53
N GLU B 99 23.18 -23.33 5.93
CA GLU B 99 22.85 -23.37 7.36
C GLU B 99 23.61 -24.51 8.05
N LYS B 100 23.85 -25.58 7.32
CA LYS B 100 24.53 -26.74 7.88
C LYS B 100 25.93 -26.40 8.40
N MET B 101 26.55 -25.35 7.84
CA MET B 101 27.85 -24.90 8.37
C MET B 101 27.83 -24.17 9.69
N ASN B 102 26.66 -23.82 10.26
CA ASN B 102 26.70 -23.23 11.58
C ASN B 102 27.48 -24.12 12.55
N GLU B 103 27.16 -25.41 12.54
CA GLU B 103 27.80 -26.41 13.37
C GLU B 103 29.30 -26.45 13.17
N TRP B 104 29.75 -26.39 11.90
CA TRP B 104 31.18 -26.37 11.60
C TRP B 104 31.82 -25.13 12.24
N PHE B 105 31.26 -23.93 12.03
CA PHE B 105 31.85 -22.74 12.65
C PHE B 105 31.94 -22.90 14.15
N ASP B 106 30.87 -23.40 14.76
CA ASP B 106 30.81 -23.41 16.23
C ASP B 106 31.79 -24.43 16.82
N LYS B 107 32.00 -25.54 16.11
CA LYS B 107 32.95 -26.55 16.57
C LYS B 107 34.41 -26.10 16.32
N THR B 108 34.62 -25.29 15.31
CA THR B 108 35.98 -24.94 14.92
C THR B 108 36.52 -23.79 15.75
N PHE B 109 35.64 -22.85 16.11
CA PHE B 109 36.09 -21.59 16.72
C PHE B 109 35.50 -21.36 18.11
N ARG B 110 36.25 -20.62 18.91
CA ARG B 110 35.78 -20.11 20.21
C ARG B 110 35.44 -18.65 19.97
N TYR B 111 34.33 -18.18 20.55
CA TYR B 111 33.91 -16.79 20.39
C TYR B 111 34.43 -15.92 21.55
N GLU B 112 35.06 -14.81 21.23
CA GLU B 112 35.54 -13.89 22.26
C GLU B 112 34.36 -13.18 22.93
N GLU B 113 33.31 -13.01 22.14
CA GLU B 113 32.18 -12.21 22.55
C GLU B 113 31.00 -12.58 21.65
N GLU B 114 29.80 -12.70 22.27
CA GLU B 114 28.54 -12.80 21.53
C GLU B 114 27.57 -11.74 22.13
N ARG B 115 26.93 -10.95 21.26
CA ARG B 115 26.01 -9.88 21.70
C ARG B 115 24.79 -9.92 20.79
N LEU B 116 23.69 -9.33 21.25
CA LEU B 116 22.48 -9.29 20.44
C LEU B 116 22.67 -8.29 19.32
N GLY B 117 22.16 -8.60 18.13
CA GLY B 117 22.13 -7.61 17.04
C GLY B 117 20.78 -7.68 16.35
N GLY B 118 20.66 -6.97 15.23
CA GLY B 118 19.42 -6.91 14.48
C GLY B 118 18.59 -5.77 15.04
N GLN B 119 17.91 -5.03 14.17
CA GLN B 119 17.17 -3.87 14.63
C GLN B 119 16.18 -4.13 15.76
N ALA B 120 15.35 -5.15 15.65
CA ALA B 120 14.31 -5.34 16.66
C ALA B 120 14.94 -5.81 17.95
N GLY B 121 16.01 -6.59 17.87
CA GLY B 121 16.75 -6.94 19.11
C GLY B 121 17.36 -5.73 19.80
N ILE B 122 18.16 -4.94 19.07
CA ILE B 122 18.76 -3.74 19.62
C ILE B 122 17.71 -2.75 20.21
N ILE B 123 16.60 -2.59 19.53
CA ILE B 123 15.53 -1.70 20.02
C ILE B 123 14.90 -2.30 21.28
N ALA B 124 14.67 -3.61 21.26
CA ALA B 124 14.08 -4.23 22.48
C ALA B 124 14.98 -3.98 23.68
N ASN B 125 16.29 -4.18 23.49
CA ASN B 125 17.21 -4.06 24.60
C ASN B 125 17.31 -2.63 25.08
N THR B 126 17.19 -1.68 24.15
CA THR B 126 17.21 -0.23 24.51
C THR B 126 16.02 0.16 25.37
N LEU B 127 14.83 -0.26 24.94
CA LEU B 127 13.61 0.09 25.65
C LEU B 127 13.57 -0.61 27.03
N ALA B 128 14.12 -1.81 27.11
CA ALA B 128 14.14 -2.53 28.41
C ALA B 128 15.12 -1.80 29.36
N GLY B 129 16.20 -1.28 28.79
CA GLY B 129 17.17 -0.49 29.54
C GLY B 129 16.55 0.79 30.06
N LEU B 130 15.67 1.42 29.29
CA LEU B 130 14.92 2.59 29.77
C LEU B 130 13.83 2.27 30.79
N LYS B 131 13.60 0.98 31.04
CA LYS B 131 12.58 0.47 31.98
C LYS B 131 11.21 1.07 31.67
N ILE B 132 10.84 1.09 30.40
CA ILE B 132 9.49 1.50 30.07
C ILE B 132 8.54 0.43 30.65
N ARG B 133 7.25 0.70 30.63
CA ARG B 133 6.26 -0.16 31.35
C ARG B 133 6.29 -1.63 30.86
N LYS B 134 6.35 -1.83 29.55
CA LYS B 134 6.42 -3.19 29.00
C LYS B 134 7.12 -3.17 27.65
N VAL B 135 7.99 -4.15 27.44
CA VAL B 135 8.74 -4.34 26.18
C VAL B 135 8.53 -5.79 25.75
N ILE B 136 7.84 -6.00 24.64
CA ILE B 136 7.61 -7.33 24.15
C ILE B 136 8.36 -7.41 22.82
N ALA B 137 9.23 -8.41 22.66
CA ALA B 137 9.89 -8.62 21.35
C ALA B 137 9.34 -9.88 20.70
N TYR B 138 9.31 -9.89 19.38
CA TYR B 138 9.02 -11.10 18.67
C TYR B 138 10.02 -11.29 17.53
N THR B 139 10.54 -12.50 17.42
CA THR B 139 11.25 -12.95 16.26
C THR B 139 10.77 -14.37 16.03
N PRO B 140 10.62 -14.76 14.75
CA PRO B 140 10.09 -16.11 14.51
C PRO B 140 11.12 -17.18 14.79
N PHE B 141 12.40 -16.78 14.96
CA PHE B 141 13.44 -17.77 15.23
C PHE B 141 14.07 -17.45 16.58
N LEU B 142 13.79 -18.26 17.60
CA LEU B 142 14.33 -17.99 18.91
C LEU B 142 15.03 -19.25 19.54
N PRO B 143 16.24 -19.57 19.07
CA PRO B 143 17.09 -20.58 19.71
C PRO B 143 17.56 -20.09 21.10
N LYS B 144 17.93 -21.01 21.99
CA LYS B 144 18.28 -20.62 23.36
C LYS B 144 19.44 -19.62 23.37
N ARG B 145 20.41 -19.82 22.49
CA ARG B 145 21.56 -18.95 22.43
C ARG B 145 21.23 -17.50 22.16
N LEU B 146 20.22 -17.29 21.28
CA LEU B 146 19.69 -15.93 20.98
C LEU B 146 18.91 -15.33 22.18
N ALA B 147 18.01 -16.14 22.73
CA ALA B 147 17.10 -15.68 23.78
C ALA B 147 17.91 -15.15 24.93
N GLU B 148 18.98 -15.85 25.26
CA GLU B 148 19.85 -15.41 26.36
C GLU B 148 20.52 -14.05 26.25
N LEU B 149 20.59 -13.47 25.05
CA LEU B 149 21.26 -12.21 24.84
C LEU B 149 20.31 -11.04 24.97
N PHE B 150 19.03 -11.30 25.14
CA PHE B 150 18.08 -10.20 25.50
C PHE B 150 18.22 -9.71 26.95
N LYS B 151 18.00 -8.40 27.13
CA LYS B 151 18.16 -7.75 28.44
C LYS B 151 17.03 -8.22 29.32
N LYS B 152 17.30 -8.28 30.62
CA LYS B 152 16.26 -8.56 31.61
C LYS B 152 15.15 -7.56 31.43
N GLY B 153 13.92 -8.07 31.32
CA GLY B 153 12.75 -7.22 31.16
C GLY B 153 12.09 -7.40 29.81
N VAL B 154 12.84 -7.85 28.79
CA VAL B 154 12.21 -8.14 27.51
C VAL B 154 11.28 -9.37 27.61
N LEU B 155 10.08 -9.21 27.11
CA LEU B 155 9.09 -10.31 27.15
C LEU B 155 8.84 -10.87 25.76
N TYR B 156 8.13 -12.00 25.65
CA TYR B 156 7.93 -12.67 24.36
C TYR B 156 6.49 -13.28 24.46
N PRO B 157 5.72 -13.25 23.38
CA PRO B 157 4.37 -13.78 23.48
C PRO B 157 4.44 -15.29 23.50
N VAL B 158 3.73 -15.92 24.46
CA VAL B 158 3.75 -17.33 24.68
C VAL B 158 2.29 -17.80 24.85
N VAL B 159 1.92 -18.83 24.12
CA VAL B 159 0.51 -19.30 24.10
C VAL B 159 0.47 -20.64 24.80
N GLU B 160 -0.27 -20.70 25.90
CA GLU B 160 -0.44 -21.95 26.64
C GLU B 160 -1.94 -22.32 26.73
N ASN B 161 -2.27 -23.50 26.22
CA ASN B 161 -3.67 -23.98 26.11
C ASN B 161 -4.60 -22.86 25.62
N GLY B 162 -4.24 -22.30 24.46
CA GLY B 162 -5.07 -21.28 23.84
C GLY B 162 -5.07 -19.91 24.51
N GLU B 163 -4.22 -19.70 25.50
CA GLU B 163 -4.21 -18.47 26.24
C GLU B 163 -2.83 -17.82 26.03
N LEU B 164 -2.82 -16.51 25.78
CA LEU B 164 -1.59 -15.73 25.61
C LEU B 164 -1.07 -15.16 26.93
N GLN B 165 0.24 -15.26 27.12
CA GLN B 165 0.94 -14.63 28.23
C GLN B 165 2.18 -13.97 27.64
N PHE B 166 2.68 -12.96 28.34
CA PHE B 166 3.99 -12.35 28.00
C PHE B 166 5.06 -12.73 29.02
N LYS B 167 5.96 -13.60 28.61
CA LYS B 167 6.92 -14.23 29.51
C LYS B 167 8.34 -13.74 29.22
N PRO B 168 9.28 -13.82 30.21
CA PRO B 168 10.68 -13.39 29.92
C PRO B 168 11.18 -14.15 28.71
N ILE B 169 11.64 -13.40 27.73
CA ILE B 169 12.13 -13.99 26.49
C ILE B 169 13.23 -15.05 26.68
N GLN B 170 14.10 -14.85 27.72
CA GLN B 170 15.26 -15.70 27.96
C GLN B 170 14.88 -17.16 28.18
N GLU B 171 13.67 -17.42 28.71
CA GLU B 171 13.18 -18.78 28.88
C GLU B 171 12.10 -19.20 27.86
N ALA B 172 11.86 -18.41 26.80
CA ALA B 172 10.78 -18.72 25.86
C ALA B 172 11.27 -19.36 24.55
N TYR B 173 12.53 -19.78 24.54
CA TYR B 173 13.25 -20.25 23.33
C TYR B 173 12.70 -21.59 22.85
N ARG B 174 12.96 -21.88 21.58
CA ARG B 174 12.64 -23.21 21.07
C ARG B 174 13.92 -23.93 20.66
N GLU B 175 14.16 -25.10 21.24
CA GLU B 175 15.35 -25.83 20.89
C GLU B 175 15.17 -26.24 19.43
N GLY B 176 16.26 -26.13 18.69
CA GLY B 176 16.21 -26.41 17.27
C GLY B 176 15.84 -25.31 16.27
N ASP B 177 15.52 -24.10 16.76
CA ASP B 177 15.17 -23.02 15.86
C ASP B 177 16.45 -22.64 15.14
N PRO B 178 16.31 -22.13 13.90
CA PRO B 178 17.48 -21.64 13.14
C PRO B 178 18.23 -20.56 13.92
N LEU B 179 19.54 -20.57 13.79
CA LEU B 179 20.38 -19.64 14.53
C LEU B 179 20.98 -18.65 13.54
N LYS B 180 20.50 -17.41 13.59
CA LYS B 180 21.11 -16.37 12.74
C LYS B 180 22.29 -15.72 13.47
N ILE B 181 23.52 -16.14 13.12
CA ILE B 181 24.70 -15.64 13.76
C ILE B 181 25.54 -14.99 12.70
N ASN B 182 25.94 -13.74 12.90
CA ASN B 182 26.91 -13.10 11.99
C ASN B 182 28.24 -13.19 12.72
N ARG B 183 29.30 -13.58 12.02
CA ARG B 183 30.55 -13.86 12.65
C ARG B 183 31.61 -12.87 12.17
N ILE B 184 32.26 -12.19 13.11
CA ILE B 184 33.28 -11.20 12.76
C ILE B 184 34.61 -11.78 13.16
N PHE B 185 35.46 -12.05 12.17
CA PHE B 185 36.79 -12.51 12.42
C PHE B 185 37.77 -11.36 12.41
N GLU B 186 38.30 -11.07 13.58
CA GLU B 186 39.32 -10.01 13.70
C GLU B 186 40.77 -10.50 13.49
N PHE B 187 41.51 -9.80 12.63
CA PHE B 187 42.92 -10.10 12.39
C PHE B 187 43.81 -8.88 12.59
N ARG B 188 45.07 -9.12 12.97
CA ARG B 188 45.99 -8.02 13.27
C ARG B 188 47.17 -8.00 12.30
N LYS B 189 47.60 -6.81 11.93
CA LYS B 189 48.87 -6.62 11.20
C LYS B 189 50.00 -7.37 11.92
N GLY B 190 50.90 -8.00 11.14
CA GLY B 190 52.10 -8.59 11.70
C GLY B 190 52.00 -10.07 11.94
N LEU B 191 50.78 -10.56 12.12
CA LEU B 191 50.52 -11.99 12.26
C LEU B 191 51.14 -12.76 11.09
N LYS B 192 51.76 -13.88 11.37
CA LYS B 192 52.37 -14.69 10.32
C LYS B 192 51.83 -16.08 10.38
N PHE B 193 51.61 -16.65 9.20
CA PHE B 193 51.20 -18.02 9.12
C PHE B 193 51.73 -18.65 7.82
N LYS B 194 51.62 -19.97 7.72
CA LYS B 194 52.16 -20.71 6.60
C LYS B 194 51.05 -21.26 5.75
N LEU B 195 51.06 -20.94 4.46
CA LEU B 195 50.17 -21.62 3.52
C LEU B 195 51.09 -22.57 2.74
N GLY B 196 50.99 -23.86 3.07
CA GLY B 196 52.04 -24.85 2.75
C GLY B 196 53.41 -24.46 3.31
N ASP B 197 54.28 -24.02 2.42
CA ASP B 197 55.64 -23.60 2.76
C ASP B 197 55.80 -22.07 2.59
N GLU B 198 54.76 -21.38 2.17
CA GLU B 198 54.85 -19.95 2.02
C GLU B 198 54.47 -19.24 3.32
N THR B 199 55.36 -18.40 3.84
CA THR B 199 55.00 -17.57 4.99
C THR B 199 54.18 -16.39 4.53
N ILE B 200 53.03 -16.18 5.15
CA ILE B 200 52.23 -14.99 4.85
C ILE B 200 52.23 -14.09 6.10
N GLU B 201 52.54 -12.81 5.91
CA GLU B 201 52.45 -11.84 6.97
C GLU B 201 51.34 -10.85 6.63
N ILE B 202 50.42 -10.67 7.58
CA ILE B 202 49.26 -9.85 7.38
C ILE B 202 49.75 -8.37 7.39
N PRO B 203 49.42 -7.60 6.32
CA PRO B 203 49.97 -6.26 6.20
C PRO B 203 49.15 -5.16 6.89
N ASN B 204 47.87 -5.40 7.17
CA ASN B 204 47.01 -4.41 7.86
C ASN B 204 46.08 -5.20 8.78
N SER B 205 45.67 -4.58 9.90
CA SER B 205 44.55 -5.11 10.75
C SER B 205 43.20 -4.92 10.07
N GLY B 206 42.19 -5.71 10.46
CA GLY B 206 40.92 -5.62 9.82
C GLY B 206 39.99 -6.74 10.28
N ARG B 207 38.81 -6.83 9.64
CA ARG B 207 37.77 -7.83 9.95
C ARG B 207 37.27 -8.50 8.67
N PHE B 208 37.00 -9.80 8.79
CA PHE B 208 36.46 -10.57 7.70
C PHE B 208 35.10 -11.01 8.28
N ILE B 209 34.00 -10.64 7.65
CA ILE B 209 32.69 -10.86 8.28
C ILE B 209 31.95 -11.91 7.49
N VAL B 210 31.32 -12.86 8.18
CA VAL B 210 30.55 -13.90 7.50
C VAL B 210 29.13 -13.74 7.98
N SER B 211 28.26 -13.22 7.13
CA SER B 211 26.86 -12.96 7.48
C SER B 211 25.97 -14.13 7.21
N ALA B 212 25.03 -14.38 8.12
CA ALA B 212 24.07 -15.48 7.93
C ALA B 212 23.03 -15.13 6.86
N ARG B 213 23.08 -15.84 5.74
CA ARG B 213 22.29 -15.51 4.57
C ARG B 213 21.71 -16.77 3.98
N PHE B 214 21.45 -17.75 4.82
CA PHE B 214 20.77 -18.99 4.39
C PHE B 214 19.23 -18.89 4.41
N GLU B 215 18.57 -19.83 3.77
CA GLU B 215 17.14 -19.66 3.49
C GLU B 215 16.22 -19.61 4.72
N SER B 216 16.49 -20.45 5.72
CA SER B 216 15.50 -20.63 6.83
C SER B 216 15.27 -19.28 7.58
N ILE B 217 16.32 -18.46 7.73
CA ILE B 217 16.21 -17.17 8.41
C ILE B 217 15.66 -15.99 7.57
N SER B 218 15.27 -16.28 6.34
CA SER B 218 14.71 -15.26 5.47
C SER B 218 13.19 -15.32 5.43
N ARG B 219 12.60 -16.25 6.19
CA ARG B 219 11.15 -16.46 6.22
C ARG B 219 10.59 -15.60 7.35
N ILE B 220 10.57 -14.30 7.08
CA ILE B 220 10.23 -13.28 8.09
C ILE B 220 8.75 -13.08 8.14
N GLU B 221 8.15 -13.46 9.28
CA GLU B 221 6.73 -13.38 9.44
C GLU B 221 6.43 -13.60 10.92
N THR B 222 5.15 -13.45 11.28
CA THR B 222 4.70 -13.95 12.53
C THR B 222 4.27 -15.38 12.23
N ARG B 223 4.79 -16.35 12.98
CA ARG B 223 4.50 -17.77 12.63
C ARG B 223 3.07 -18.07 13.10
N GLU B 224 2.51 -19.17 12.63
CA GLU B 224 1.07 -19.36 12.73
C GLU B 224 0.65 -19.58 14.17
N ASP B 225 1.56 -20.03 15.03
CA ASP B 225 1.16 -20.20 16.45
C ASP B 225 0.82 -18.88 17.12
N ILE B 226 1.53 -17.78 16.78
CA ILE B 226 1.22 -16.49 17.43
C ILE B 226 0.29 -15.59 16.62
N LYS B 227 0.23 -15.83 15.32
CA LYS B 227 -0.54 -14.98 14.42
C LYS B 227 -1.94 -14.69 14.88
N PRO B 228 -2.71 -15.71 15.27
CA PRO B 228 -4.07 -15.44 15.71
C PRO B 228 -4.19 -14.51 16.91
N PHE B 229 -3.10 -14.33 17.64
CA PHE B 229 -3.12 -13.55 18.86
C PHE B 229 -2.62 -12.14 18.72
N LEU B 230 -2.26 -11.68 17.50
CA LEU B 230 -1.71 -10.33 17.35
C LEU B 230 -2.68 -9.27 17.80
N GLY B 231 -3.98 -9.46 17.57
CA GLY B 231 -4.96 -8.51 18.14
C GLY B 231 -4.92 -8.36 19.65
N GLU B 232 -4.76 -9.49 20.33
CA GLU B 232 -4.65 -9.48 21.79
C GLU B 232 -3.35 -8.81 22.27
N ILE B 233 -2.29 -8.89 21.47
CA ILE B 233 -1.08 -8.09 21.76
C ILE B 233 -1.36 -6.61 21.54
N GLY B 234 -2.09 -6.31 20.47
CA GLY B 234 -2.45 -4.96 20.11
C GLY B 234 -3.15 -4.23 21.21
N LYS B 235 -4.00 -4.93 21.93
CA LYS B 235 -4.71 -4.38 23.06
C LYS B 235 -3.78 -3.96 24.17
N GLU B 236 -2.63 -4.62 24.26
CA GLU B 236 -1.66 -4.41 25.37
C GLU B 236 -0.65 -3.33 25.13
N VAL B 237 -0.47 -2.93 23.88
CA VAL B 237 0.61 -1.97 23.58
C VAL B 237 0.14 -0.62 23.00
N ASP B 238 0.98 0.40 23.17
CA ASP B 238 0.75 1.75 22.61
C ASP B 238 1.37 1.91 21.22
N GLY B 239 2.52 1.27 20.99
CA GLY B 239 3.18 1.34 19.71
C GLY B 239 3.82 0.03 19.32
N ALA B 240 4.13 -0.15 18.03
CA ALA B 240 4.86 -1.32 17.54
C ALA B 240 5.96 -0.75 16.61
N ILE B 241 7.18 -1.29 16.72
CA ILE B 241 8.30 -0.97 15.82
C ILE B 241 8.59 -2.25 15.04
N PHE B 242 8.46 -2.15 13.71
CA PHE B 242 8.67 -3.26 12.79
C PHE B 242 9.92 -3.00 11.94
N SER B 243 10.72 -4.05 11.79
CA SER B 243 11.90 -4.02 10.95
C SER B 243 12.24 -5.45 10.53
N GLY B 244 13.19 -5.57 9.60
CA GLY B 244 13.68 -6.85 9.18
C GLY B 244 13.18 -7.37 7.84
N TYR B 245 12.36 -6.58 7.16
CA TYR B 245 11.83 -6.90 5.85
C TYR B 245 13.00 -7.03 4.87
N GLN B 246 14.13 -6.38 5.15
CA GLN B 246 15.28 -6.51 4.24
C GLN B 246 15.83 -7.95 4.24
N GLY B 247 15.43 -8.78 5.22
CA GLY B 247 15.83 -10.17 5.23
C GLY B 247 15.12 -11.12 4.25
N LEU B 248 14.05 -10.67 3.58
CA LEU B 248 13.23 -11.57 2.69
C LEU B 248 14.03 -11.87 1.46
N ARG B 249 13.71 -12.97 0.81
CA ARG B 249 14.34 -13.30 -0.49
C ARG B 249 13.30 -13.15 -1.55
N THR B 250 13.72 -13.04 -2.81
N THR B 250 13.73 -13.01 -2.81
CA THR B 250 12.76 -12.98 -3.91
CA THR B 250 12.78 -12.94 -3.93
C THR B 250 12.02 -14.29 -4.09
C THR B 250 12.07 -14.28 -4.21
N LYS B 251 12.76 -15.40 -4.00
CA LYS B 251 12.13 -16.73 -4.14
C LYS B 251 12.57 -17.73 -3.07
N TYR B 252 11.68 -18.67 -2.72
CA TYR B 252 11.93 -19.70 -1.70
C TYR B 252 11.84 -21.10 -2.33
N SER B 253 12.51 -22.04 -1.71
CA SER B 253 12.61 -23.41 -2.25
C SER B 253 11.30 -24.22 -2.20
N ASP B 254 10.27 -23.71 -1.53
CA ASP B 254 8.96 -24.37 -1.50
C ASP B 254 7.91 -23.65 -2.34
N GLY B 255 8.37 -22.80 -3.27
CA GLY B 255 7.47 -22.05 -4.16
C GLY B 255 7.00 -20.70 -3.63
N LYS B 256 7.23 -20.40 -2.35
CA LYS B 256 6.83 -19.10 -1.86
C LYS B 256 7.74 -18.03 -2.48
N ASP B 257 7.39 -16.75 -2.32
CA ASP B 257 8.15 -15.65 -2.84
C ASP B 257 8.00 -14.50 -1.82
N ALA B 258 8.78 -13.45 -2.01
CA ALA B 258 8.71 -12.27 -1.13
C ALA B 258 7.26 -11.85 -0.92
N ASN B 259 6.48 -11.82 -2.00
CA ASN B 259 5.06 -11.43 -1.91
C ASN B 259 4.21 -12.20 -0.91
N TYR B 260 4.49 -13.49 -0.77
CA TYR B 260 3.76 -14.33 0.20
C TYR B 260 3.98 -13.78 1.62
N TYR B 261 5.24 -13.51 1.97
CA TYR B 261 5.57 -12.94 3.31
C TYR B 261 5.11 -11.52 3.44
N LEU B 262 5.10 -10.74 2.35
CA LEU B 262 4.61 -9.36 2.40
C LEU B 262 3.07 -9.33 2.63
N ARG B 263 2.32 -10.29 2.10
CA ARG B 263 0.88 -10.33 2.41
C ARG B 263 0.65 -10.61 3.87
N ARG B 264 1.43 -11.52 4.44
CA ARG B 264 1.35 -11.79 5.91
C ARG B 264 1.75 -10.56 6.72
N ALA B 265 2.76 -9.81 6.22
CA ALA B 265 3.18 -8.65 6.93
C ALA B 265 2.11 -7.56 6.96
N LYS B 266 1.34 -7.45 5.89
CA LYS B 266 0.24 -6.46 5.83
C LYS B 266 -0.90 -6.87 6.79
N GLU B 267 -1.18 -8.17 6.86
CA GLU B 267 -2.17 -8.69 7.82
C GLU B 267 -1.80 -8.30 9.27
N ASP B 268 -0.55 -8.54 9.65
CA ASP B 268 -0.02 -8.08 10.97
C ASP B 268 -0.22 -6.58 11.18
N ILE B 269 0.18 -5.76 10.20
CA ILE B 269 -0.05 -4.32 10.34
C ILE B 269 -1.53 -3.99 10.57
N ILE B 270 -2.42 -4.59 9.81
CA ILE B 270 -3.84 -4.35 9.99
C ILE B 270 -4.31 -4.69 11.43
N GLU B 271 -3.81 -5.79 11.96
CA GLU B 271 -4.27 -6.24 13.30
C GLU B 271 -3.87 -5.23 14.39
N PHE B 272 -2.65 -4.68 14.30
CA PHE B 272 -2.26 -3.64 15.26
C PHE B 272 -2.93 -2.31 15.01
N LYS B 273 -3.07 -1.86 13.76
CA LYS B 273 -3.67 -0.55 13.47
C LYS B 273 -5.13 -0.47 13.91
N GLU B 274 -5.86 -1.56 13.71
CA GLU B 274 -7.26 -1.57 14.18
C GLU B 274 -7.35 -1.46 15.72
N LYS B 275 -6.32 -1.89 16.44
CA LYS B 275 -6.29 -1.79 17.91
C LYS B 275 -5.77 -0.45 18.36
N ASP B 276 -5.63 0.47 17.42
CA ASP B 276 -5.14 1.83 17.65
C ASP B 276 -3.66 1.89 18.06
N VAL B 277 -2.86 0.94 17.60
CA VAL B 277 -1.44 0.96 17.93
C VAL B 277 -0.75 1.82 16.84
N LYS B 278 0.16 2.74 17.23
CA LYS B 278 0.93 3.43 16.15
C LYS B 278 2.05 2.51 15.77
N ILE B 279 2.38 2.46 14.49
CA ILE B 279 3.43 1.58 14.03
C ILE B 279 4.57 2.41 13.38
N HIS B 280 5.81 2.16 13.82
CA HIS B 280 7.02 2.74 13.21
C HIS B 280 7.69 1.61 12.44
N VAL B 281 8.14 1.89 11.23
CA VAL B 281 8.99 0.93 10.52
C VAL B 281 10.40 1.52 10.47
N GLU B 282 11.37 0.71 10.89
CA GLU B 282 12.76 1.09 10.78
C GLU B 282 13.26 0.47 9.46
N PHE B 283 13.46 1.35 8.49
CA PHE B 283 13.76 0.92 7.13
C PHE B 283 15.24 0.49 7.06
N ALA B 284 15.62 -0.22 6.00
CA ALA B 284 17.01 -0.64 5.88
C ALA B 284 17.46 -0.72 4.42
N SER B 285 18.76 -0.87 4.18
CA SER B 285 19.24 -1.04 2.78
C SER B 285 18.75 -2.38 2.18
N VAL B 286 18.13 -2.34 1.00
CA VAL B 286 17.89 -3.53 0.22
C VAL B 286 18.58 -3.36 -1.17
N GLN B 287 19.58 -4.20 -1.50
CA GLN B 287 20.29 -4.06 -2.81
C GLN B 287 19.46 -4.32 -4.08
N ASP B 288 18.72 -5.43 -4.10
CA ASP B 288 17.79 -5.79 -5.19
C ASP B 288 16.68 -4.69 -5.29
N ARG B 289 16.63 -3.95 -6.38
CA ARG B 289 15.75 -2.78 -6.49
C ARG B 289 14.29 -3.24 -6.58
N LYS B 290 14.08 -4.43 -7.17
CA LYS B 290 12.74 -4.92 -7.40
C LYS B 290 12.14 -5.34 -6.03
N LEU B 291 12.93 -6.03 -5.22
CA LEU B 291 12.53 -6.38 -3.86
C LEU B 291 12.39 -5.15 -2.96
N ARG B 292 13.32 -4.19 -3.10
CA ARG B 292 13.22 -2.94 -2.39
C ARG B 292 11.89 -2.24 -2.64
N LYS B 293 11.49 -2.20 -3.90
CA LYS B 293 10.25 -1.55 -4.27
C LYS B 293 9.03 -2.32 -3.68
N LYS B 294 9.04 -3.65 -3.72
CA LYS B 294 7.98 -4.45 -3.07
C LYS B 294 7.81 -4.12 -1.58
N ILE B 295 8.91 -4.00 -0.84
CA ILE B 295 8.90 -3.67 0.57
C ILE B 295 8.28 -2.28 0.76
N ILE B 296 8.77 -1.28 -0.01
CA ILE B 296 8.21 0.09 0.04
C ILE B 296 6.68 0.05 -0.27
N THR B 297 6.30 -0.57 -1.37
CA THR B 297 4.90 -0.65 -1.83
C THR B 297 4.00 -1.26 -0.76
N ASN B 298 4.46 -2.35 -0.17
CA ASN B 298 3.54 -3.18 0.69
C ASN B 298 3.48 -2.67 2.11
N ILE B 299 4.54 -2.01 2.55
CA ILE B 299 4.66 -1.68 3.98
C ILE B 299 4.48 -0.20 4.22
N LEU B 300 5.34 0.65 3.60
CA LEU B 300 5.41 2.03 4.06
C LEU B 300 4.13 2.87 3.98
N PRO B 301 3.28 2.70 2.92
CA PRO B 301 2.09 3.55 3.01
C PRO B 301 1.13 3.11 4.15
N PHE B 302 1.41 1.98 4.76
CA PHE B 302 0.36 1.34 5.64
C PHE B 302 0.68 1.60 7.12
N VAL B 303 1.80 2.25 7.40
CA VAL B 303 2.23 2.44 8.78
C VAL B 303 2.21 3.93 9.16
N ASP B 304 2.64 4.28 10.36
CA ASP B 304 2.52 5.66 10.81
C ASP B 304 3.87 6.37 10.67
N SER B 305 4.85 5.88 11.39
CA SER B 305 6.18 6.49 11.46
C SER B 305 7.21 5.67 10.66
N VAL B 306 8.16 6.33 9.98
CA VAL B 306 9.16 5.58 9.21
C VAL B 306 10.51 6.23 9.50
N GLY B 307 11.49 5.43 9.88
CA GLY B 307 12.84 5.98 10.23
C GLY B 307 13.81 5.57 9.15
N ILE B 308 14.59 6.54 8.61
CA ILE B 308 15.54 6.21 7.53
C ILE B 308 16.83 7.04 7.71
N ASP B 309 17.91 6.59 7.13
CA ASP B 309 19.05 7.49 7.02
C ASP B 309 19.20 8.13 5.64
N GLU B 310 20.28 8.90 5.46
CA GLU B 310 20.44 9.68 4.25
C GLU B 310 20.51 8.79 3.00
N ALA B 311 21.24 7.69 3.05
CA ALA B 311 21.37 6.83 1.85
C ALA B 311 20.05 6.18 1.56
N GLU B 312 19.29 5.86 2.61
CA GLU B 312 17.96 5.26 2.35
C GLU B 312 17.00 6.21 1.66
N ILE B 313 17.09 7.52 1.91
CA ILE B 313 16.24 8.45 1.15
C ILE B 313 16.49 8.30 -0.33
N ALA B 314 17.77 8.26 -0.72
CA ALA B 314 18.13 8.08 -2.10
C ALA B 314 17.69 6.70 -2.64
N GLN B 315 17.87 5.64 -1.87
CA GLN B 315 17.43 4.30 -2.33
C GLN B 315 15.96 4.17 -2.57
N ILE B 316 15.16 4.86 -1.72
CA ILE B 316 13.73 4.87 -1.93
C ILE B 316 13.40 5.69 -3.15
N LEU B 317 13.92 6.90 -3.21
CA LEU B 317 13.67 7.79 -4.36
C LEU B 317 13.97 7.12 -5.68
N SER B 318 15.05 6.37 -5.67
CA SER B 318 15.48 5.69 -6.88
C SER B 318 14.40 4.77 -7.47
N VAL B 319 13.73 3.99 -6.64
CA VAL B 319 12.76 3.05 -7.20
C VAL B 319 11.35 3.61 -7.31
N LEU B 320 11.20 4.87 -6.89
CA LEU B 320 10.01 5.67 -7.19
C LEU B 320 10.14 6.48 -8.48
N GLY B 321 11.36 6.48 -9.03
CA GLY B 321 11.57 7.18 -10.29
C GLY B 321 12.22 8.54 -10.20
N TYR B 322 12.83 8.89 -9.06
CA TYR B 322 13.52 10.19 -8.89
C TYR B 322 15.02 9.96 -8.91
N ARG B 323 15.47 9.43 -10.05
CA ARG B 323 16.83 8.95 -10.22
C ARG B 323 17.84 10.09 -10.01
N GLU B 324 17.53 11.27 -10.56
CA GLU B 324 18.49 12.39 -10.57
C GLU B 324 18.66 13.03 -9.21
N LEU B 325 17.53 13.19 -8.51
CA LEU B 325 17.57 13.57 -7.11
C LEU B 325 18.30 12.54 -6.25
N ALA B 326 17.96 11.26 -6.37
CA ALA B 326 18.65 10.24 -5.60
C ALA B 326 20.19 10.30 -5.81
N ASP B 327 20.63 10.51 -7.04
CA ASP B 327 22.08 10.59 -7.30
C ASP B 327 22.76 11.76 -6.58
N ARG B 328 22.14 12.96 -6.62
CA ARG B 328 22.63 14.11 -5.86
C ARG B 328 22.77 13.81 -4.39
N ILE B 329 21.75 13.19 -3.81
CA ILE B 329 21.83 12.79 -2.41
C ILE B 329 22.97 11.81 -2.11
N PHE B 330 23.09 10.73 -2.90
CA PHE B 330 24.19 9.74 -2.76
C PHE B 330 25.55 10.48 -2.86
N THR B 331 25.67 11.36 -3.83
CA THR B 331 26.94 12.05 -4.07
C THR B 331 27.30 13.20 -3.10
N TYR B 332 26.34 14.08 -2.80
CA TYR B 332 26.65 15.37 -2.15
C TYR B 332 26.17 15.56 -0.71
N ASN B 333 25.22 14.73 -0.25
CA ASN B 333 24.71 14.87 1.14
C ASN B 333 24.20 16.29 1.52
N ARG B 334 23.69 17.05 0.57
CA ARG B 334 23.24 18.42 0.89
C ARG B 334 21.90 18.39 1.66
N LEU B 335 21.79 19.10 2.78
CA LEU B 335 20.50 19.14 3.51
C LEU B 335 19.30 19.49 2.59
N GLU B 336 19.47 20.46 1.69
CA GLU B 336 18.38 20.84 0.78
C GLU B 336 17.79 19.68 -0.04
N ASP B 337 18.64 18.79 -0.55
CA ASP B 337 18.18 17.62 -1.31
C ASP B 337 17.55 16.55 -0.40
N SER B 338 18.09 16.39 0.81
CA SER B 338 17.47 15.47 1.78
C SER B 338 16.06 15.93 2.21
N ILE B 339 15.87 17.24 2.40
CA ILE B 339 14.51 17.79 2.69
C ILE B 339 13.56 17.54 1.49
N LEU B 340 13.99 17.92 0.29
CA LEU B 340 13.17 17.69 -0.89
C LEU B 340 12.84 16.20 -1.04
N GLY B 341 13.86 15.35 -0.89
CA GLY B 341 13.69 13.90 -0.97
C GLY B 341 12.72 13.38 0.07
N GLY B 342 12.88 13.88 1.29
CA GLY B 342 11.94 13.54 2.37
C GLY B 342 10.49 13.95 2.07
N MET B 343 10.27 15.20 1.63
CA MET B 343 8.90 15.63 1.28
C MET B 343 8.30 14.79 0.13
N ILE B 344 9.12 14.53 -0.90
CA ILE B 344 8.67 13.62 -1.98
C ILE B 344 8.25 12.24 -1.45
N ILE B 345 9.01 11.64 -0.53
CA ILE B 345 8.71 10.30 -0.03
C ILE B 345 7.38 10.36 0.74
N LEU B 346 7.22 11.38 1.57
CA LEU B 346 5.97 11.48 2.38
C LEU B 346 4.77 11.78 1.49
N ASP B 347 4.99 12.62 0.47
CA ASP B 347 3.95 12.92 -0.50
C ASP B 347 3.51 11.63 -1.25
N GLU B 348 4.48 10.84 -1.70
CA GLU B 348 4.18 9.66 -2.52
C GLU B 348 3.54 8.55 -1.70
N LEU B 349 4.13 8.29 -0.54
CA LEU B 349 3.79 7.08 0.24
C LEU B 349 2.68 7.35 1.25
N ASN B 350 2.62 8.59 1.72
CA ASN B 350 1.47 9.04 2.56
C ASN B 350 1.25 8.25 3.85
N PHE B 351 2.33 7.92 4.59
CA PHE B 351 2.25 7.47 5.96
C PHE B 351 2.16 8.80 6.79
N GLU B 352 2.43 8.80 8.09
CA GLU B 352 2.06 9.96 8.93
C GLU B 352 3.29 10.86 9.16
N ILE B 353 4.41 10.23 9.37
CA ILE B 353 5.59 11.03 9.79
C ILE B 353 6.90 10.38 9.38
N LEU B 354 7.82 11.19 8.85
CA LEU B 354 9.12 10.65 8.42
C LEU B 354 10.21 11.16 9.34
N GLN B 355 11.05 10.25 9.86
CA GLN B 355 12.23 10.69 10.61
C GLN B 355 13.50 10.31 9.84
N VAL B 356 14.42 11.25 9.72
CA VAL B 356 15.66 10.99 8.99
C VAL B 356 16.81 11.26 9.91
N HIS B 357 17.72 10.29 10.04
CA HIS B 357 18.91 10.50 10.85
C HIS B 357 20.16 10.54 9.96
N THR B 358 21.02 11.54 10.21
CA THR B 358 22.27 11.68 9.47
C THR B 358 23.35 12.05 10.48
N THR B 359 24.59 12.02 10.02
CA THR B 359 25.71 12.39 10.91
C THR B 359 25.46 13.63 11.72
N TYR B 360 25.19 14.76 11.07
CA TYR B 360 25.21 16.08 11.74
C TYR B 360 23.84 16.60 12.12
N TYR B 361 22.78 15.98 11.60
CA TYR B 361 21.45 16.46 11.97
C TYR B 361 20.39 15.32 11.89
N LEU B 362 19.30 15.52 12.62
CA LEU B 362 18.08 14.65 12.50
C LEU B 362 16.96 15.52 11.96
N MET B 363 15.99 14.91 11.29
CA MET B 363 14.92 15.70 10.74
C MET B 363 13.61 14.92 10.92
N TYR B 364 12.52 15.65 11.12
CA TYR B 364 11.16 15.12 10.94
C TYR B 364 10.48 15.91 9.81
N ILE B 365 9.70 15.19 9.02
CA ILE B 365 8.79 15.78 8.08
C ILE B 365 7.42 15.14 8.32
N THR B 366 6.42 15.99 8.48
N THR B 366 6.41 15.97 8.49
CA THR B 366 5.06 15.54 8.73
CA THR B 366 5.05 15.46 8.72
C THR B 366 4.10 16.26 7.79
C THR B 366 4.03 16.42 8.11
N HIS B 367 2.82 15.90 7.96
CA HIS B 367 1.71 16.65 7.34
C HIS B 367 1.35 17.85 8.15
N ARG B 368 0.78 18.85 7.47
CA ARG B 368 0.34 20.07 8.10
C ARG B 368 -0.60 19.81 9.27
N ASP B 369 -1.35 18.72 9.26
CA ASP B 369 -2.27 18.50 10.38
C ASP B 369 -1.78 17.54 11.48
N ASN B 370 -0.48 17.25 11.50
CA ASN B 370 0.05 16.48 12.59
C ASN B 370 -0.29 17.15 13.93
N PRO B 371 -0.67 16.37 14.97
CA PRO B 371 -1.05 17.06 16.23
C PRO B 371 0.14 17.79 16.90
N LEU B 372 1.36 17.26 16.76
CA LEU B 372 2.50 17.83 17.49
C LEU B 372 2.89 19.23 17.05
N SER B 373 3.33 20.06 17.98
CA SER B 373 3.90 21.36 17.65
C SER B 373 5.33 21.17 17.12
N GLU B 374 5.85 22.12 16.37
CA GLU B 374 7.27 22.07 16.00
C GLU B 374 8.17 21.92 17.22
N GLU B 375 7.75 22.53 18.33
CA GLU B 375 8.49 22.39 19.57
C GLU B 375 8.56 20.95 20.11
N GLU B 376 7.43 20.24 20.13
CA GLU B 376 7.41 18.84 20.54
C GLU B 376 8.16 17.97 19.54
N LEU B 377 8.01 18.25 18.24
CA LEU B 377 8.76 17.49 17.21
C LEU B 377 10.29 17.60 17.48
N ALA B 378 10.74 18.82 17.72
CA ALA B 378 12.15 19.06 18.04
C ALA B 378 12.57 18.35 19.34
N LYS B 379 11.75 18.37 20.39
CA LYS B 379 12.10 17.65 21.64
C LYS B 379 12.14 16.12 21.47
N SER B 380 11.38 15.61 20.52
CA SER B 380 11.37 14.17 20.27
C SER B 380 12.67 13.75 19.58
N LEU B 381 13.02 14.47 18.53
CA LEU B 381 14.34 14.33 17.91
C LEU B 381 15.46 14.52 18.92
N GLU B 382 15.38 15.52 19.82
CA GLU B 382 16.50 15.75 20.78
C GLU B 382 16.66 14.51 21.68
N PHE B 383 15.54 13.91 22.08
CA PHE B 383 15.58 12.68 22.89
C PHE B 383 16.26 11.54 22.13
N GLY B 384 15.97 11.40 20.84
CA GLY B 384 16.59 10.39 19.98
C GLY B 384 18.11 10.54 19.97
N THR B 385 18.58 11.72 19.59
CA THR B 385 20.05 11.93 19.54
C THR B 385 20.75 11.86 20.92
N THR B 386 20.10 12.40 21.94
CA THR B 386 20.65 12.32 23.26
C THR B 386 20.83 10.84 23.67
N LEU B 387 19.80 10.02 23.47
CA LEU B 387 19.82 8.60 23.80
C LEU B 387 20.91 7.87 23.05
N ALA B 388 21.10 8.23 21.77
CA ALA B 388 22.19 7.65 20.99
C ALA B 388 23.53 8.04 21.56
N ALA B 389 23.64 9.30 21.97
CA ALA B 389 24.89 9.82 22.56
C ALA B 389 25.25 9.07 23.86
N ALA B 390 24.26 8.86 24.71
CA ALA B 390 24.41 7.97 25.86
C ALA B 390 24.89 6.55 25.51
N ARG B 391 24.21 5.88 24.58
CA ARG B 391 24.61 4.56 24.09
C ARG B 391 26.05 4.55 23.53
N ALA B 392 26.34 5.53 22.69
CA ALA B 392 27.70 5.71 22.15
C ALA B 392 28.75 5.93 23.23
N SER B 393 28.40 6.64 24.32
CA SER B 393 29.36 6.94 25.40
C SER B 393 29.59 5.74 26.31
N LEU B 394 28.50 5.02 26.60
CA LEU B 394 28.49 3.94 27.59
C LEU B 394 28.63 2.52 27.02
N GLY B 395 28.28 2.33 25.76
CA GLY B 395 28.26 1.00 25.16
C GLY B 395 26.90 0.35 25.26
N ASP B 396 26.01 0.94 26.02
CA ASP B 396 24.69 0.34 26.20
C ASP B 396 23.81 1.32 26.96
N ILE B 397 22.48 1.09 26.94
CA ILE B 397 21.55 1.79 27.83
C ILE B 397 21.18 0.80 28.94
N ARG B 398 21.70 1.07 30.15
CA ARG B 398 21.61 0.13 31.26
C ARG B 398 20.40 0.41 32.15
N GLY B 399 20.11 1.70 32.34
CA GLY B 399 18.96 2.17 33.12
C GLY B 399 18.57 3.55 32.67
N PRO B 400 17.39 4.03 33.09
CA PRO B 400 16.92 5.34 32.65
C PRO B 400 17.88 6.51 32.95
N ASP B 401 18.71 6.37 33.99
CA ASP B 401 19.58 7.50 34.31
C ASP B 401 20.76 7.66 33.36
N ASP B 402 21.02 6.63 32.57
CA ASP B 402 22.03 6.69 31.51
C ASP B 402 21.70 7.79 30.50
N TYR B 403 20.42 8.12 30.36
CA TYR B 403 20.01 9.24 29.53
C TYR B 403 20.78 10.52 29.87
N LYS B 404 21.01 10.77 31.15
CA LYS B 404 21.68 12.02 31.57
C LYS B 404 23.09 12.16 31.01
N VAL B 405 23.75 11.03 30.77
CA VAL B 405 25.10 11.02 30.22
C VAL B 405 25.10 11.64 28.81
N GLY B 406 24.07 11.32 28.02
CA GLY B 406 23.88 11.93 26.70
C GLY B 406 23.70 13.45 26.78
N LEU B 407 23.03 13.91 27.81
CA LEU B 407 22.77 15.36 27.94
C LEU B 407 24.00 16.21 28.11
N LYS B 408 25.13 15.58 28.46
CA LYS B 408 26.43 16.26 28.67
C LYS B 408 27.30 16.22 27.40
N VAL B 409 26.80 15.58 26.35
CA VAL B 409 27.45 15.59 25.05
C VAL B 409 26.87 16.81 24.34
N PRO B 410 27.74 17.75 23.91
CA PRO B 410 27.13 18.95 23.36
C PRO B 410 26.62 18.70 21.95
N PHE B 411 25.72 19.55 21.47
CA PHE B 411 25.36 19.52 20.07
C PHE B 411 26.60 19.77 19.21
N ASN B 412 26.65 19.15 18.04
CA ASN B 412 27.87 19.16 17.27
C ASN B 412 28.29 20.54 16.75
N GLU B 413 29.53 20.60 16.25
CA GLU B 413 30.16 21.87 15.86
C GLU B 413 29.52 22.49 14.63
N ARG B 414 28.69 21.71 13.94
CA ARG B 414 28.14 22.15 12.67
C ARG B 414 26.71 22.66 12.86
N SER B 415 26.29 22.86 14.11
CA SER B 415 24.91 23.23 14.41
C SER B 415 24.52 24.52 13.72
N GLU B 416 25.38 25.53 13.80
CA GLU B 416 25.13 26.82 13.13
C GLU B 416 25.02 26.70 11.63
N TYR B 417 25.90 25.89 11.06
CA TYR B 417 25.93 25.69 9.63
C TYR B 417 24.63 24.96 9.22
N VAL B 418 24.24 23.97 10.00
CA VAL B 418 23.02 23.19 9.66
C VAL B 418 21.85 24.13 9.63
N LYS B 419 21.76 24.98 10.65
CA LYS B 419 20.68 25.93 10.82
C LYS B 419 20.61 26.88 9.61
N LEU B 420 21.77 27.45 9.19
CA LEU B 420 21.77 28.32 8.01
C LEU B 420 21.31 27.59 6.76
N ARG B 421 21.84 26.40 6.55
CA ARG B 421 21.51 25.61 5.38
C ARG B 421 20.03 25.30 5.38
N PHE B 422 19.47 25.13 6.59
CA PHE B 422 18.05 24.80 6.74
C PHE B 422 17.18 26.00 6.33
N GLU B 423 17.58 27.20 6.72
CA GLU B 423 16.79 28.37 6.38
C GLU B 423 16.87 28.65 4.89
N GLU B 424 18.08 28.48 4.33
CA GLU B 424 18.32 28.59 2.87
C GLU B 424 17.45 27.57 2.10
N ALA B 425 17.40 26.31 2.55
CA ALA B 425 16.58 25.25 1.92
C ALA B 425 15.11 25.63 1.88
N LYS B 426 14.60 26.17 2.99
CA LYS B 426 13.17 26.50 3.05
C LYS B 426 12.85 27.67 2.14
N SER B 427 13.85 28.56 1.94
CA SER B 427 13.68 29.65 1.00
C SER B 427 13.57 29.20 -0.47
N ARG B 428 14.24 28.11 -0.82
CA ARG B 428 14.30 27.63 -2.22
C ARG B 428 13.20 26.59 -2.52
N LEU B 429 12.73 25.91 -1.47
CA LEU B 429 11.79 24.81 -1.64
C LEU B 429 10.36 25.18 -1.33
N ARG B 430 9.45 24.51 -2.03
CA ARG B 430 8.03 24.73 -1.74
C ARG B 430 7.71 23.96 -0.45
N MET B 431 7.55 24.67 0.65
CA MET B 431 7.37 24.03 1.97
C MET B 431 5.92 23.72 2.28
N ARG B 432 5.02 24.22 1.43
CA ARG B 432 3.59 23.93 1.50
C ARG B 432 3.29 24.18 2.93
N GLU B 433 2.47 23.35 3.59
CA GLU B 433 2.45 23.51 5.04
C GLU B 433 2.93 22.26 5.81
N TYR B 434 3.82 21.46 5.16
CA TYR B 434 4.52 20.35 5.82
C TYR B 434 5.14 20.92 7.08
N LYS B 435 5.24 20.13 8.13
CA LYS B 435 6.01 20.60 9.29
C LYS B 435 7.39 19.95 9.09
N VAL B 436 8.47 20.74 9.09
CA VAL B 436 9.82 20.18 8.90
C VAL B 436 10.62 20.81 10.01
N VAL B 437 11.30 19.94 10.75
CA VAL B 437 12.06 20.32 11.94
C VAL B 437 13.42 19.65 11.80
N VAL B 438 14.49 20.44 11.94
CA VAL B 438 15.83 19.90 11.72
C VAL B 438 16.61 20.28 12.99
N ILE B 439 17.21 19.29 13.67
CA ILE B 439 18.05 19.64 14.83
C ILE B 439 19.42 19.03 14.67
N PRO B 440 20.46 19.65 15.29
CA PRO B 440 21.77 18.99 15.22
C PRO B 440 21.91 17.78 16.17
N THR B 441 22.80 16.86 15.82
CA THR B 441 23.12 15.67 16.63
C THR B 441 24.10 16.02 17.76
N ARG B 442 24.03 15.25 18.86
CA ARG B 442 25.03 15.29 19.94
C ARG B 442 26.02 14.22 19.57
N LEU B 443 27.18 14.61 19.05
CA LEU B 443 28.13 13.65 18.52
C LEU B 443 29.19 13.38 19.58
N VAL B 444 29.35 12.12 19.95
CA VAL B 444 30.33 11.71 20.97
C VAL B 444 31.71 11.59 20.33
N GLN B 445 32.72 12.23 20.93
CA GLN B 445 34.07 12.29 20.34
C GLN B 445 34.85 10.96 20.24
N ASN B 446 34.93 10.24 21.34
CA ASN B 446 35.53 8.90 21.34
C ASN B 446 34.52 7.84 21.76
N PRO B 447 33.63 7.44 20.83
CA PRO B 447 32.56 6.53 21.24
C PRO B 447 33.10 5.14 21.52
N VAL B 448 32.63 4.52 22.61
CA VAL B 448 32.98 3.10 22.89
C VAL B 448 32.23 2.17 21.93
N LEU B 449 31.08 2.63 21.44
CA LEU B 449 30.21 1.85 20.59
C LEU B 449 29.68 2.72 19.47
N THR B 450 29.64 2.15 18.27
CA THR B 450 29.05 2.83 17.13
C THR B 450 28.02 1.93 16.42
N VAL B 451 27.70 0.76 16.98
CA VAL B 451 26.67 -0.12 16.38
CA VAL B 451 26.68 -0.15 16.42
C VAL B 451 25.29 0.13 17.00
N GLY B 452 24.25 0.09 16.16
CA GLY B 452 22.89 0.34 16.62
C GLY B 452 22.50 1.78 16.95
N LEU B 453 23.39 2.76 16.65
CA LEU B 453 23.05 4.15 17.00
C LEU B 453 21.79 4.65 16.28
N GLY B 454 21.65 4.34 14.99
CA GLY B 454 20.50 4.78 14.21
C GLY B 454 19.22 4.14 14.75
N ASP B 455 19.31 2.86 15.11
CA ASP B 455 18.16 2.17 15.74
C ASP B 455 17.80 2.83 17.05
N THR B 456 18.83 3.27 17.79
CA THR B 456 18.59 3.90 19.09
C THR B 456 17.89 5.24 18.99
N ILE B 457 18.28 6.04 18.01
CA ILE B 457 17.65 7.34 17.71
C ILE B 457 16.18 7.13 17.41
N SER B 458 15.93 6.19 16.52
CA SER B 458 14.56 5.91 16.05
C SER B 458 13.65 5.41 17.20
N ALA B 459 14.19 4.52 18.02
CA ALA B 459 13.51 4.11 19.27
C ALA B 459 13.19 5.30 20.16
N GLY B 460 14.16 6.15 20.43
CA GLY B 460 13.92 7.30 21.35
C GLY B 460 12.99 8.34 20.76
N ALA B 461 13.14 8.61 19.46
CA ALA B 461 12.29 9.57 18.78
C ALA B 461 10.86 9.03 18.71
N PHE B 462 10.72 7.75 18.42
CA PHE B 462 9.34 7.23 18.35
C PHE B 462 8.64 7.16 19.73
N LEU B 463 9.35 6.69 20.75
CA LEU B 463 8.85 6.67 22.14
C LEU B 463 8.31 8.04 22.55
N THR B 464 9.12 9.06 22.34
CA THR B 464 8.66 10.41 22.67
C THR B 464 7.55 10.95 21.80
N TYR B 465 7.52 10.59 20.52
CA TYR B 465 6.41 10.95 19.66
C TYR B 465 5.11 10.42 20.25
N LEU B 466 5.08 9.13 20.62
CA LEU B 466 3.88 8.54 21.28
C LEU B 466 3.49 9.25 22.57
N GLU B 467 4.47 9.60 23.39
CA GLU B 467 4.23 10.35 24.60
C GLU B 467 3.58 11.71 24.33
N PHE B 468 4.12 12.44 23.35
CA PHE B 468 3.58 13.74 22.99
C PHE B 468 2.21 13.65 22.37
N LEU B 469 1.97 12.61 21.59
CA LEU B 469 0.63 12.41 21.02
C LEU B 469 -0.46 12.33 22.11
N LYS B 470 -0.08 11.89 23.31
CA LYS B 470 -1.05 11.84 24.43
C LYS B 470 -1.49 13.22 24.94
N ARG B 471 -0.73 14.24 24.56
CA ARG B 471 -1.03 15.61 25.01
C ARG B 471 -2.03 16.35 24.18
N HIS B 472 -2.51 15.68 23.13
CA HIS B 472 -3.46 16.28 22.20
C HIS B 472 -4.74 15.49 22.15
P AMP C . -17.94 -0.58 -21.52
O1P AMP C . -18.48 -0.46 -22.94
O2P AMP C . -18.63 0.14 -20.34
O3P AMP C . -16.44 -0.40 -21.56
O5' AMP C . -18.19 -2.13 -21.14
C5' AMP C . -17.49 -2.74 -20.06
C4' AMP C . -17.71 -4.21 -20.23
O4' AMP C . -19.11 -4.49 -20.28
C3' AMP C . -17.20 -4.67 -21.55
O3' AMP C . -15.81 -4.93 -21.36
C2' AMP C . -18.01 -5.96 -21.72
O2' AMP C . -17.23 -6.86 -20.94
C1' AMP C . -19.37 -5.62 -21.08
N9 AMP C . -20.37 -5.31 -22.14
C8 AMP C . -20.36 -4.22 -22.95
N7 AMP C . -21.39 -4.29 -23.85
C5 AMP C . -22.04 -5.44 -23.63
C6 AMP C . -23.22 -6.12 -24.23
N6 AMP C . -23.85 -5.52 -25.27
N1 AMP C . -23.59 -7.30 -23.69
C2 AMP C . -22.94 -7.85 -22.66
N3 AMP C . -21.88 -7.29 -22.06
C4 AMP C . -21.38 -6.10 -22.51
NA NA D . -29.54 -3.65 -12.18
NA NA E . -18.79 -0.12 -17.84
P AMP F . 25.91 4.89 11.51
O1P AMP F . 26.41 5.13 10.09
O2P AMP F . 26.95 5.21 12.58
O3P AMP F . 25.16 3.57 11.59
O5' AMP F . 24.79 6.06 11.76
C5' AMP F . 23.73 6.07 12.71
C4' AMP F . 23.50 7.49 13.27
O4' AMP F . 24.11 7.60 14.55
C3' AMP F . 24.04 8.71 12.52
O3' AMP F . 23.06 9.18 11.61
C2' AMP F . 24.27 9.73 13.62
O2' AMP F . 23.11 10.56 13.72
C1' AMP F . 24.45 8.93 14.90
N9 AMP F . 25.89 8.96 15.31
C8 AMP F . 26.93 8.57 14.55
N7 AMP F . 28.11 8.71 15.22
C5 AMP F . 27.78 9.19 16.45
C6 AMP F . 28.52 9.60 17.65
N6 AMP F . 29.88 9.49 17.67
N1 AMP F . 27.81 10.03 18.73
C2 AMP F . 26.47 10.13 18.71
N3 AMP F . 25.73 9.81 17.63
C4 AMP F . 26.33 9.34 16.50
#